data_5EKU
#
_entry.id   5EKU
#
_cell.length_a   157.618
_cell.length_b   157.618
_cell.length_c   97.394
_cell.angle_alpha   90.00
_cell.angle_beta   90.00
_cell.angle_gamma   120.00
#
_symmetry.space_group_name_H-M   'P 32 2 1'
#
loop_
_entity.id
_entity.type
_entity.pdbx_description
1 polymer 'Arginine N-methyltransferase, putative'
2 non-polymer S-ADENOSYL-L-HOMOCYSTEINE
#
_entity_poly.entity_id   1
_entity_poly.type   'polypeptide(L)'
_entity_poly.pdbx_seq_one_letter_code
;MPPKQHRHQKKDKNDNALQNTIGFVPPGATLASVSGYRPPDAFVNRIDRNIPVPARLRHTPVSLIEAVNDFHYAMMNDEE
RNNFYYEVLKKHVTPETGVLEIGAGSGLLSLMAAKLGAKWVVAVEGSEELAKLARENIRANNMEHQVKVLHMMSTELKPK
HLPEPPDVLLSEIFGTMMLGESALDYVVDVRNRLLKPTTKIIPQFGTQYAVPIECDALHRISSVSGWRDLDLKHMMTLQD
TVSIVFAKHYGIRMNSVNFRRLSDPIELFRVDFSSSNRNDISRRKHFDVVAKESGTAHAMLFYWKVTDDEFVMSTDPEDT
VNNFPRDMQWGQALQLLDASNGPLPTPVVFTEGKNYNFECNFSGDRVILHMQLCPESGNGEMTECEGKTT
;
_entity_poly.pdbx_strand_id   A,B
#
# COMPACT_ATOMS: atom_id res chain seq x y z
N ARG A 38 0.45 31.06 2.38
CA ARG A 38 -0.03 29.69 2.59
C ARG A 38 -1.00 29.24 1.50
N PRO A 39 -0.50 28.45 0.53
CA PRO A 39 -1.32 27.88 -0.53
C PRO A 39 -2.43 26.99 0.02
N PRO A 40 -3.55 26.86 -0.72
CA PRO A 40 -4.64 25.98 -0.31
C PRO A 40 -4.20 24.53 -0.17
N ASP A 41 -3.16 24.15 -0.92
CA ASP A 41 -2.65 22.78 -0.91
C ASP A 41 -1.44 22.63 0.01
N ALA A 42 -1.26 23.57 0.93
CA ALA A 42 -0.09 23.56 1.83
C ALA A 42 -0.09 22.33 2.73
N PHE A 43 1.11 21.85 3.04
CA PHE A 43 1.29 20.62 3.81
C PHE A 43 0.79 20.74 5.25
N VAL A 44 1.00 21.89 5.87
CA VAL A 44 0.55 22.11 7.24
C VAL A 44 -0.96 21.98 7.36
N ASN A 45 -1.68 22.52 6.37
CA ASN A 45 -3.13 22.59 6.42
C ASN A 45 -3.84 21.24 6.56
N ARG A 46 -3.11 20.15 6.34
CA ARG A 46 -3.69 18.82 6.51
C ARG A 46 -3.05 18.08 7.69
N ILE A 47 -2.54 18.86 8.65
CA ILE A 47 -1.86 18.32 9.83
C ILE A 47 -2.38 18.99 11.10
N ASP A 48 -2.59 18.19 12.14
CA ASP A 48 -3.11 18.68 13.43
C ASP A 48 -2.26 19.83 13.96
N ARG A 49 -2.94 20.82 14.55
CA ARG A 49 -2.28 22.04 14.99
C ARG A 49 -1.17 21.78 16.01
N ASN A 50 -1.31 20.69 16.76
CA ASN A 50 -0.38 20.39 17.84
C ASN A 50 0.90 19.71 17.36
N ILE A 51 0.85 19.11 16.18
CA ILE A 51 2.01 18.40 15.65
C ILE A 51 2.95 19.39 14.93
N PRO A 52 4.25 19.28 15.21
CA PRO A 52 5.24 20.24 14.69
C PRO A 52 5.66 19.95 13.25
N VAL A 53 5.65 20.98 12.41
CA VAL A 53 6.06 20.85 11.01
C VAL A 53 7.22 21.78 10.68
N PRO A 54 8.34 21.20 10.20
CA PRO A 54 9.54 21.95 9.81
C PRO A 54 9.24 23.02 8.77
N ALA A 55 10.02 24.11 8.77
CA ALA A 55 9.82 25.21 7.84
C ALA A 55 9.96 24.78 6.38
N ARG A 56 10.84 23.82 6.12
CA ARG A 56 11.03 23.30 4.76
C ARG A 56 9.81 22.59 4.20
N LEU A 57 8.81 22.34 5.05
CA LEU A 57 7.64 21.58 4.63
C LEU A 57 6.33 22.34 4.76
N ARG A 58 6.31 23.38 5.60
CA ARG A 58 5.07 24.03 5.98
C ARG A 58 4.21 24.51 4.81
N HIS A 59 4.82 25.25 3.89
CA HIS A 59 4.07 25.86 2.79
C HIS A 59 4.20 25.07 1.50
N THR A 60 4.90 23.96 1.54
CA THR A 60 5.07 23.12 0.36
C THR A 60 3.80 22.33 0.04
N PRO A 61 3.36 22.40 -1.23
CA PRO A 61 2.19 21.65 -1.73
C PRO A 61 2.22 20.17 -1.37
N VAL A 62 1.12 19.67 -0.81
CA VAL A 62 1.05 18.28 -0.34
C VAL A 62 1.35 17.28 -1.45
N SER A 63 0.79 17.55 -2.63
CA SER A 63 0.91 16.63 -3.75
C SER A 63 2.37 16.42 -4.14
N LEU A 64 3.14 17.49 -4.08
CA LEU A 64 4.57 17.44 -4.36
C LEU A 64 5.27 16.54 -3.35
N ILE A 65 4.95 16.73 -2.08
CA ILE A 65 5.57 15.96 -1.01
C ILE A 65 5.24 14.48 -1.12
N GLU A 66 3.96 14.18 -1.33
CA GLU A 66 3.52 12.80 -1.53
C GLU A 66 4.25 12.15 -2.70
N ALA A 67 4.31 12.86 -3.82
CA ALA A 67 4.96 12.33 -5.02
C ALA A 67 6.44 12.02 -4.79
N VAL A 68 7.17 12.98 -4.24
CA VAL A 68 8.61 12.82 -4.03
C VAL A 68 8.89 11.73 -3.01
N ASN A 69 8.13 11.72 -1.92
CA ASN A 69 8.31 10.70 -0.88
C ASN A 69 7.84 9.30 -1.30
N ASP A 70 6.75 9.21 -2.04
CA ASP A 70 6.21 7.89 -2.41
C ASP A 70 6.93 7.22 -3.58
N PHE A 71 7.55 8.00 -4.46
CA PHE A 71 8.08 7.41 -5.70
C PHE A 71 9.50 7.86 -6.04
N HIS A 72 9.72 9.17 -6.06
CA HIS A 72 10.97 9.73 -6.58
C HIS A 72 12.21 9.26 -5.82
N TYR A 73 12.15 9.25 -4.50
CA TYR A 73 13.27 8.78 -3.69
C TYR A 73 13.66 7.36 -4.09
N ALA A 74 12.66 6.51 -4.28
CA ALA A 74 12.88 5.13 -4.65
C ALA A 74 13.46 5.00 -6.07
N MET A 75 12.94 5.80 -6.99
CA MET A 75 13.47 5.85 -8.35
C MET A 75 14.97 6.15 -8.35
N MET A 76 15.35 7.17 -7.58
CA MET A 76 16.72 7.64 -7.56
C MET A 76 17.69 6.65 -6.90
N ASN A 77 17.15 5.74 -6.08
CA ASN A 77 17.98 4.71 -5.47
C ASN A 77 17.93 3.38 -6.24
N ASP A 78 17.09 3.33 -7.27
CA ASP A 78 17.10 2.23 -8.22
C ASP A 78 18.28 2.43 -9.18
N GLU A 79 19.48 2.05 -8.75
CA GLU A 79 20.69 2.40 -9.50
C GLU A 79 20.83 1.59 -10.79
N GLU A 80 20.20 0.43 -10.85
CA GLU A 80 20.18 -0.34 -12.08
C GLU A 80 19.41 0.41 -13.14
N ARG A 81 18.28 0.99 -12.74
CA ARG A 81 17.48 1.83 -13.63
C ARG A 81 18.25 3.03 -14.12
N ASN A 82 18.90 3.75 -13.20
CA ASN A 82 19.73 4.89 -13.56
C ASN A 82 20.88 4.47 -14.47
N ASN A 83 21.54 3.37 -14.14
CA ASN A 83 22.63 2.86 -14.97
C ASN A 83 22.13 2.41 -16.34
N PHE A 84 20.89 1.92 -16.38
CA PHE A 84 20.28 1.54 -17.66
C PHE A 84 20.24 2.72 -18.62
N TYR A 85 19.65 3.82 -18.18
CA TYR A 85 19.48 5.00 -19.00
C TYR A 85 20.81 5.70 -19.31
N TYR A 86 21.75 5.64 -18.36
CA TYR A 86 23.05 6.28 -18.58
C TYR A 86 23.81 5.59 -19.72
N GLU A 87 23.74 4.27 -19.75
CA GLU A 87 24.46 3.49 -20.74
C GLU A 87 23.84 3.59 -22.13
N VAL A 88 22.51 3.66 -22.19
CA VAL A 88 21.81 3.82 -23.46
C VAL A 88 22.00 5.25 -23.98
N LEU A 89 22.01 6.22 -23.06
CA LEU A 89 22.25 7.60 -23.44
C LEU A 89 23.65 7.83 -24.01
N LYS A 90 24.68 7.36 -23.31
CA LYS A 90 26.05 7.67 -23.73
C LYS A 90 26.40 6.94 -25.03
N LYS A 91 25.49 6.09 -25.47
CA LYS A 91 25.61 5.41 -26.76
C LYS A 91 25.06 6.28 -27.88
N HIS A 92 24.34 7.34 -27.54
CA HIS A 92 23.70 8.17 -28.55
C HIS A 92 23.88 9.67 -28.38
N VAL A 93 24.57 10.10 -27.32
CA VAL A 93 24.69 11.52 -27.05
C VAL A 93 26.01 12.13 -27.52
N THR A 94 25.91 12.95 -28.56
CA THR A 94 27.03 13.70 -29.11
C THR A 94 26.91 15.12 -28.58
N PRO A 95 28.02 15.89 -28.60
CA PRO A 95 27.85 17.35 -28.45
C PRO A 95 27.09 17.99 -29.61
N GLU A 96 26.35 17.20 -30.38
CA GLU A 96 25.53 17.69 -31.48
C GLU A 96 24.11 17.18 -31.34
N THR A 97 23.84 16.49 -30.24
CA THR A 97 22.57 15.82 -30.02
C THR A 97 21.58 16.63 -29.18
N GLY A 98 20.42 16.91 -29.73
CA GLY A 98 19.35 17.55 -28.99
C GLY A 98 18.41 16.52 -28.40
N VAL A 99 18.19 16.60 -27.09
CA VAL A 99 17.41 15.59 -26.37
C VAL A 99 16.09 16.13 -25.83
N LEU A 100 15.01 15.37 -26.02
CA LEU A 100 13.71 15.73 -25.49
C LEU A 100 13.20 14.67 -24.52
N GLU A 101 13.08 15.02 -23.24
CA GLU A 101 12.55 14.09 -22.26
C GLU A 101 11.07 14.33 -21.97
N ILE A 102 10.27 13.30 -22.11
CA ILE A 102 8.89 13.34 -21.64
C ILE A 102 8.86 12.94 -20.18
N GLY A 103 8.23 13.76 -19.34
CA GLY A 103 8.10 13.44 -17.93
C GLY A 103 9.39 13.58 -17.15
N ALA A 104 9.84 14.82 -16.98
CA ALA A 104 11.08 15.09 -16.25
C ALA A 104 10.99 14.70 -14.79
N GLY A 105 9.90 15.10 -14.14
CA GLY A 105 9.75 14.89 -12.71
C GLY A 105 10.86 15.61 -11.96
N SER A 106 11.78 14.85 -11.39
CA SER A 106 12.93 15.44 -10.71
C SER A 106 13.96 15.87 -11.74
N GLY A 107 13.90 15.27 -12.92
CA GLY A 107 14.79 15.64 -14.02
C GLY A 107 16.17 15.01 -13.99
N LEU A 108 16.32 13.90 -13.27
CA LEU A 108 17.62 13.24 -13.17
C LEU A 108 18.14 12.77 -14.53
N LEU A 109 17.24 12.24 -15.35
CA LEU A 109 17.63 11.69 -16.65
C LEU A 109 18.12 12.77 -17.60
N SER A 110 17.54 13.96 -17.50
CA SER A 110 17.99 15.10 -18.28
C SER A 110 19.37 15.56 -17.83
N LEU A 111 19.61 15.50 -16.52
CA LEU A 111 20.93 15.78 -15.97
C LEU A 111 21.96 14.78 -16.52
N MET A 112 21.51 13.57 -16.81
CA MET A 112 22.39 12.57 -17.40
C MET A 112 22.73 12.95 -18.84
N ALA A 113 21.72 13.29 -19.62
CA ALA A 113 21.90 13.68 -21.01
C ALA A 113 22.77 14.92 -21.12
N ALA A 114 22.63 15.83 -20.15
CA ALA A 114 23.46 17.03 -20.12
C ALA A 114 24.88 16.69 -19.69
N LYS A 115 25.01 15.84 -18.68
CA LYS A 115 26.32 15.40 -18.20
C LYS A 115 27.11 14.70 -19.31
N LEU A 116 26.40 14.06 -20.23
CA LEU A 116 27.04 13.37 -21.34
C LEU A 116 27.32 14.32 -22.49
N GLY A 117 27.08 15.61 -22.26
CA GLY A 117 27.43 16.64 -23.21
C GLY A 117 26.51 16.80 -24.40
N ALA A 118 25.20 16.87 -24.15
CA ALA A 118 24.25 17.18 -25.21
C ALA A 118 24.23 18.68 -25.45
N LYS A 119 23.92 19.10 -26.67
CA LYS A 119 23.91 20.53 -26.98
C LYS A 119 22.69 21.24 -26.44
N TRP A 120 21.53 20.60 -26.52
CA TRP A 120 20.35 21.14 -25.83
C TRP A 120 19.44 20.05 -25.31
N VAL A 121 18.90 20.26 -24.12
CA VAL A 121 17.96 19.33 -23.51
C VAL A 121 16.70 20.07 -23.09
N VAL A 122 15.55 19.61 -23.58
CA VAL A 122 14.27 20.16 -23.18
C VAL A 122 13.44 19.08 -22.49
N ALA A 123 13.17 19.27 -21.20
CA ALA A 123 12.43 18.30 -20.42
C ALA A 123 11.03 18.81 -20.10
N VAL A 124 10.03 18.06 -20.51
CA VAL A 124 8.64 18.45 -20.33
C VAL A 124 8.03 17.76 -19.11
N GLU A 125 7.35 18.53 -18.26
CA GLU A 125 6.80 18.01 -17.01
C GLU A 125 5.43 18.63 -16.69
N GLY A 126 4.43 17.76 -16.53
CA GLY A 126 3.06 18.19 -16.33
C GLY A 126 2.76 18.81 -14.98
N SER A 127 3.44 18.34 -13.94
CA SER A 127 3.26 18.88 -12.60
C SER A 127 4.02 20.20 -12.44
N GLU A 128 3.32 21.26 -12.03
CA GLU A 128 3.94 22.58 -11.91
C GLU A 128 4.99 22.62 -10.81
N GLU A 129 4.70 21.97 -9.68
CA GLU A 129 5.63 21.94 -8.56
C GLU A 129 6.86 21.07 -8.83
N LEU A 130 6.65 19.95 -9.53
CA LEU A 130 7.75 19.09 -9.93
C LEU A 130 8.68 19.79 -10.92
N ALA A 131 8.07 20.56 -11.82
CA ALA A 131 8.82 21.29 -12.84
C ALA A 131 9.83 22.23 -12.20
N LYS A 132 9.41 22.92 -11.14
CA LYS A 132 10.30 23.83 -10.43
C LYS A 132 11.37 23.07 -9.65
N LEU A 133 11.01 21.89 -9.16
CA LEU A 133 11.96 21.05 -8.43
C LEU A 133 13.10 20.63 -9.36
N ALA A 134 12.74 20.29 -10.60
CA ALA A 134 13.71 19.91 -11.61
C ALA A 134 14.66 21.07 -11.89
N ARG A 135 14.09 22.25 -12.11
CA ARG A 135 14.87 23.46 -12.36
C ARG A 135 15.91 23.68 -11.27
N GLU A 136 15.52 23.50 -10.01
CA GLU A 136 16.43 23.69 -8.89
C GLU A 136 17.58 22.71 -8.94
N ASN A 137 17.26 21.44 -9.18
CA ASN A 137 18.27 20.41 -9.32
C ASN A 137 19.24 20.75 -10.45
N ILE A 138 18.72 21.38 -11.49
CA ILE A 138 19.52 21.78 -12.63
C ILE A 138 20.46 22.95 -12.30
N ARG A 139 20.01 23.89 -11.47
CA ARG A 139 20.89 24.97 -11.01
C ARG A 139 21.98 24.46 -10.08
N ALA A 140 21.63 23.49 -9.23
CA ALA A 140 22.57 22.93 -8.26
C ALA A 140 23.72 22.20 -8.93
N ASN A 141 23.52 21.84 -10.20
CA ASN A 141 24.58 21.17 -10.97
C ASN A 141 25.07 22.05 -12.10
N ASN A 142 24.79 23.35 -12.00
CA ASN A 142 25.29 24.36 -12.93
C ASN A 142 25.03 24.04 -14.40
N MET A 143 23.93 23.37 -14.68
CA MET A 143 23.58 23.05 -16.06
C MET A 143 22.34 23.84 -16.46
N GLU A 144 22.19 24.99 -15.82
CA GLU A 144 21.12 25.95 -16.05
C GLU A 144 20.85 26.23 -17.53
N HIS A 145 21.89 26.23 -18.36
CA HIS A 145 21.76 26.60 -19.76
C HIS A 145 21.73 25.41 -20.72
N GLN A 146 21.98 24.21 -20.20
CA GLN A 146 21.92 23.00 -21.01
C GLN A 146 20.50 22.41 -21.03
N VAL A 147 19.84 22.46 -19.88
CA VAL A 147 18.54 21.82 -19.74
C VAL A 147 17.43 22.83 -19.45
N LYS A 148 16.40 22.82 -20.29
CA LYS A 148 15.23 23.68 -20.09
C LYS A 148 14.01 22.84 -19.74
N VAL A 149 13.26 23.27 -18.73
CA VAL A 149 12.11 22.52 -18.25
C VAL A 149 10.79 23.25 -18.52
N LEU A 150 9.91 22.62 -19.28
CA LEU A 150 8.62 23.21 -19.61
C LEU A 150 7.49 22.61 -18.79
N HIS A 151 6.68 23.49 -18.19
CA HIS A 151 5.50 23.06 -17.44
C HIS A 151 4.32 22.88 -18.38
N MET A 152 4.18 21.66 -18.89
CA MET A 152 3.09 21.31 -19.77
C MET A 152 3.01 19.79 -19.93
N MET A 153 1.95 19.32 -20.58
CA MET A 153 1.86 17.92 -20.96
C MET A 153 2.36 17.77 -22.39
N SER A 154 3.00 16.64 -22.68
CA SER A 154 3.60 16.41 -23.99
C SER A 154 2.57 16.55 -25.11
N THR A 155 1.29 16.41 -24.75
CA THR A 155 0.19 16.60 -25.67
C THR A 155 0.13 18.03 -26.19
N GLU A 156 0.59 18.96 -25.37
CA GLU A 156 0.55 20.37 -25.71
C GLU A 156 1.88 20.86 -26.27
N LEU A 157 2.90 20.01 -26.22
CA LEU A 157 4.21 20.37 -26.73
C LEU A 157 4.19 20.47 -28.26
N LYS A 158 4.38 21.69 -28.76
CA LYS A 158 4.37 21.95 -30.19
C LYS A 158 5.78 22.28 -30.68
N PRO A 159 6.03 22.12 -31.99
CA PRO A 159 7.37 22.36 -32.54
C PRO A 159 7.93 23.74 -32.20
N LYS A 160 7.05 24.71 -31.98
CA LYS A 160 7.45 26.04 -31.56
C LYS A 160 8.30 25.98 -30.29
N HIS A 161 7.92 25.13 -29.35
CA HIS A 161 8.55 25.08 -28.03
C HIS A 161 9.96 24.49 -28.08
N LEU A 162 10.29 23.85 -29.20
CA LEU A 162 11.58 23.19 -29.34
C LEU A 162 12.47 23.96 -30.32
N PRO A 163 13.78 23.98 -30.05
CA PRO A 163 14.77 24.64 -30.92
C PRO A 163 14.84 23.96 -32.27
N GLU A 164 14.66 22.64 -32.23
CA GLU A 164 14.94 21.78 -33.36
C GLU A 164 14.20 20.47 -33.11
N PRO A 165 13.80 19.77 -34.17
CA PRO A 165 13.38 18.38 -33.92
C PRO A 165 14.50 17.62 -33.23
N PRO A 166 14.19 16.96 -32.09
CA PRO A 166 15.21 16.32 -31.26
C PRO A 166 15.88 15.11 -31.93
N ASP A 167 17.13 14.84 -31.53
CA ASP A 167 17.86 13.66 -31.99
C ASP A 167 17.47 12.45 -31.16
N VAL A 168 17.21 12.69 -29.88
CA VAL A 168 16.92 11.63 -28.94
C VAL A 168 15.65 11.92 -28.17
N LEU A 169 14.78 10.91 -28.04
CA LEU A 169 13.62 11.02 -27.18
C LEU A 169 13.83 10.17 -25.93
N LEU A 170 13.62 10.77 -24.77
CA LEU A 170 13.89 10.12 -23.50
C LEU A 170 12.62 10.03 -22.68
N SER A 171 12.26 8.82 -22.24
CA SER A 171 11.05 8.64 -21.45
C SER A 171 11.21 7.64 -20.32
N GLU A 172 10.55 7.94 -19.22
CA GLU A 172 10.32 6.98 -18.15
C GLU A 172 8.90 7.21 -17.67
N ILE A 173 7.94 6.53 -18.30
CA ILE A 173 6.55 6.68 -17.93
C ILE A 173 5.93 5.31 -17.73
N PHE A 174 6.74 4.38 -17.23
CA PHE A 174 6.25 3.03 -16.97
C PHE A 174 5.67 2.94 -15.57
N GLY A 175 4.53 2.25 -15.45
CA GLY A 175 3.98 1.96 -14.15
C GLY A 175 4.31 0.52 -13.79
N THR A 176 3.76 0.05 -12.68
CA THR A 176 3.88 -1.35 -12.31
C THR A 176 3.38 -2.20 -13.46
N MET A 177 2.28 -1.74 -14.07
CA MET A 177 1.91 -2.19 -15.41
C MET A 177 2.59 -1.28 -16.42
N MET A 178 3.29 -1.89 -17.37
CA MET A 178 4.15 -1.13 -18.29
C MET A 178 3.42 0.01 -18.97
N LEU A 179 2.26 -0.30 -19.56
CA LEU A 179 1.46 0.74 -20.21
C LEU A 179 0.44 1.33 -19.25
N GLY A 180 0.63 1.07 -17.96
CA GLY A 180 -0.27 1.56 -16.93
C GLY A 180 -0.36 3.07 -16.86
N GLU A 181 0.66 3.75 -17.33
CA GLU A 181 0.70 5.21 -17.34
C GLU A 181 0.68 5.74 -18.77
N SER A 182 0.13 4.95 -19.67
CA SER A 182 -0.03 5.33 -21.08
C SER A 182 1.28 5.73 -21.75
N ALA A 183 2.37 5.08 -21.39
CA ALA A 183 3.69 5.41 -21.94
C ALA A 183 3.72 5.32 -23.46
N LEU A 184 2.98 4.37 -24.01
CA LEU A 184 2.96 4.15 -25.45
C LEU A 184 2.24 5.30 -26.17
N ASP A 185 1.08 5.69 -25.66
CA ASP A 185 0.26 6.70 -26.31
C ASP A 185 0.94 8.06 -26.33
N TYR A 186 1.55 8.42 -25.20
CA TYR A 186 2.23 9.72 -25.08
C TYR A 186 3.42 9.82 -26.04
N VAL A 187 4.14 8.71 -26.21
CA VAL A 187 5.26 8.68 -27.13
C VAL A 187 4.77 8.77 -28.58
N VAL A 188 3.69 8.06 -28.89
CA VAL A 188 3.10 8.06 -30.23
C VAL A 188 2.70 9.48 -30.66
N ASP A 189 2.11 10.23 -29.74
CA ASP A 189 1.71 11.61 -30.05
C ASP A 189 2.93 12.48 -30.37
N VAL A 190 3.95 12.38 -29.53
CA VAL A 190 5.19 13.12 -29.76
C VAL A 190 5.88 12.59 -31.01
N ARG A 191 5.78 11.28 -31.24
CA ARG A 191 6.39 10.66 -32.40
C ARG A 191 5.74 11.13 -33.70
N ASN A 192 4.44 11.37 -33.64
CA ASN A 192 3.71 11.79 -34.82
C ASN A 192 3.90 13.27 -35.17
N ARG A 193 4.20 14.08 -34.16
CA ARG A 193 4.14 15.53 -34.32
C ARG A 193 5.48 16.27 -34.25
N LEU A 194 6.41 15.76 -33.45
CA LEU A 194 7.60 16.55 -33.09
C LEU A 194 8.91 15.96 -33.58
N LEU A 195 8.98 14.64 -33.66
CA LEU A 195 10.23 13.97 -33.99
C LEU A 195 10.61 14.12 -35.45
N LYS A 196 11.77 13.56 -35.80
CA LYS A 196 12.26 13.52 -37.17
C LYS A 196 12.67 12.08 -37.44
N PRO A 197 12.78 11.69 -38.72
CA PRO A 197 13.10 10.29 -39.07
C PRO A 197 14.24 9.67 -38.26
N THR A 198 15.34 10.41 -38.11
CA THR A 198 16.54 9.88 -37.47
C THR A 198 16.48 9.82 -35.94
N THR A 199 15.34 10.22 -35.36
CA THR A 199 15.21 10.31 -33.91
C THR A 199 15.26 8.95 -33.22
N LYS A 200 16.28 8.76 -32.38
CA LYS A 200 16.38 7.55 -31.55
C LYS A 200 15.49 7.68 -30.32
N ILE A 201 14.56 6.74 -30.16
CA ILE A 201 13.66 6.75 -29.02
C ILE A 201 14.18 5.84 -27.91
N ILE A 202 14.21 6.35 -26.69
CA ILE A 202 14.68 5.58 -25.55
C ILE A 202 13.58 5.45 -24.49
N PRO A 203 13.26 4.21 -24.10
CA PRO A 203 13.86 2.96 -24.60
C PRO A 203 13.14 2.36 -25.81
N GLN A 204 13.82 1.47 -26.51
CA GLN A 204 13.32 0.88 -27.75
C GLN A 204 12.14 -0.09 -27.57
N PHE A 205 12.36 -1.16 -26.80
CA PHE A 205 11.38 -2.23 -26.71
C PHE A 205 10.73 -2.39 -25.32
N GLY A 206 9.48 -2.84 -25.31
CA GLY A 206 8.79 -3.16 -24.07
C GLY A 206 7.94 -4.42 -24.20
N THR A 207 8.06 -5.32 -23.23
CA THR A 207 7.31 -6.57 -23.23
C THR A 207 6.57 -6.79 -21.91
N GLN A 208 5.24 -6.85 -21.98
CA GLN A 208 4.44 -7.17 -20.80
C GLN A 208 4.28 -8.68 -20.68
N TYR A 209 4.84 -9.24 -19.61
CA TYR A 209 4.73 -10.67 -19.35
C TYR A 209 3.63 -10.97 -18.34
N ALA A 210 3.23 -12.23 -18.29
CA ALA A 210 2.37 -12.73 -17.23
C ALA A 210 2.80 -14.15 -16.90
N VAL A 211 2.72 -14.52 -15.62
CA VAL A 211 2.96 -15.90 -15.23
C VAL A 211 1.89 -16.33 -14.23
N PRO A 212 1.29 -17.52 -14.46
CA PRO A 212 0.40 -18.07 -13.44
C PRO A 212 1.20 -18.65 -12.28
N ILE A 213 0.89 -18.24 -11.05
CA ILE A 213 1.66 -18.69 -9.90
C ILE A 213 0.80 -19.30 -8.78
N GLU A 214 1.43 -20.19 -8.02
CA GLU A 214 0.86 -20.71 -6.77
C GLU A 214 1.58 -20.05 -5.60
N CYS A 215 0.81 -19.46 -4.69
CA CYS A 215 1.41 -18.75 -3.56
C CYS A 215 0.54 -18.83 -2.32
N ASP A 216 0.94 -19.70 -1.38
CA ASP A 216 0.14 -19.95 -0.18
C ASP A 216 -0.06 -18.70 0.66
N ALA A 217 0.97 -17.86 0.74
CA ALA A 217 0.88 -16.62 1.52
C ALA A 217 -0.19 -15.71 0.96
N LEU A 218 -0.19 -15.53 -0.35
CA LEU A 218 -1.20 -14.70 -1.00
C LEU A 218 -2.58 -15.29 -0.78
N HIS A 219 -2.69 -16.62 -0.85
CA HIS A 219 -3.96 -17.30 -0.69
C HIS A 219 -4.59 -17.04 0.69
N ARG A 220 -3.75 -16.97 1.72
CA ARG A 220 -4.24 -16.74 3.08
C ARG A 220 -4.75 -15.32 3.25
N ILE A 221 -4.25 -14.41 2.44
CA ILE A 221 -4.66 -12.99 2.47
C ILE A 221 -5.92 -12.77 1.63
N SER A 222 -6.16 -13.65 0.68
CA SER A 222 -7.21 -13.42 -0.32
C SER A 222 -8.37 -14.40 -0.22
N SER A 223 -8.26 -15.39 0.66
CA SER A 223 -9.34 -16.36 0.83
C SER A 223 -9.57 -16.75 2.28
N VAL A 224 -10.75 -17.33 2.53
CA VAL A 224 -11.17 -17.82 3.84
C VAL A 224 -12.14 -18.97 3.63
N SER A 225 -11.96 -20.05 4.37
CA SER A 225 -12.92 -21.16 4.31
C SER A 225 -13.79 -21.12 5.56
N GLY A 226 -13.15 -20.97 6.72
CA GLY A 226 -13.87 -20.87 7.97
C GLY A 226 -12.94 -20.87 9.16
N TRP A 227 -13.52 -21.04 10.34
CA TRP A 227 -12.76 -21.12 11.57
C TRP A 227 -13.39 -22.18 12.47
N ARG A 228 -12.73 -23.33 12.54
CA ARG A 228 -13.28 -24.52 13.18
C ARG A 228 -14.63 -24.87 12.55
N ASP A 229 -15.65 -25.05 13.38
CA ASP A 229 -16.97 -25.47 12.91
C ASP A 229 -17.70 -24.34 12.19
N LEU A 230 -17.27 -23.11 12.44
CA LEU A 230 -17.89 -21.94 11.83
C LEU A 230 -17.57 -21.88 10.34
N ASP A 231 -18.60 -21.85 9.51
CA ASP A 231 -18.41 -21.79 8.07
C ASP A 231 -18.43 -20.35 7.57
N LEU A 232 -17.36 -19.95 6.91
CA LEU A 232 -17.23 -18.60 6.39
C LEU A 232 -17.02 -18.60 4.88
N LYS A 233 -17.42 -19.69 4.22
CA LYS A 233 -17.21 -19.81 2.78
C LYS A 233 -18.08 -18.84 1.98
N HIS A 234 -19.13 -18.32 2.60
CA HIS A 234 -19.95 -17.32 1.93
C HIS A 234 -19.17 -16.03 1.69
N MET A 235 -18.13 -15.82 2.49
CA MET A 235 -17.26 -14.66 2.33
C MET A 235 -16.58 -14.70 0.97
N MET A 236 -16.43 -15.91 0.45
CA MET A 236 -15.74 -16.12 -0.82
C MET A 236 -16.53 -15.58 -2.00
N THR A 237 -17.81 -15.31 -1.79
CA THR A 237 -18.67 -14.78 -2.84
C THR A 237 -18.13 -13.44 -3.35
N LEU A 238 -17.38 -12.76 -2.50
CA LEU A 238 -16.92 -11.41 -2.80
C LEU A 238 -15.47 -11.33 -3.27
N GLN A 239 -14.81 -12.47 -3.47
CA GLN A 239 -13.39 -12.46 -3.80
C GLN A 239 -13.10 -11.76 -5.12
N ASP A 240 -12.26 -10.72 -5.08
CA ASP A 240 -12.00 -9.94 -6.28
C ASP A 240 -11.12 -10.72 -7.25
N THR A 241 -11.69 -10.99 -8.41
CA THR A 241 -11.13 -11.87 -9.42
C THR A 241 -10.88 -11.03 -10.68
N VAL A 242 -11.35 -9.80 -10.64
CA VAL A 242 -11.24 -8.91 -11.77
C VAL A 242 -10.05 -7.96 -11.65
N SER A 243 -9.99 -7.25 -10.54
CA SER A 243 -9.01 -6.17 -10.36
C SER A 243 -7.55 -6.60 -10.43
N ILE A 244 -6.75 -5.80 -11.12
CA ILE A 244 -5.30 -5.92 -11.05
C ILE A 244 -4.81 -5.15 -9.83
N VAL A 245 -4.28 -5.85 -8.84
CA VAL A 245 -3.80 -5.22 -7.62
C VAL A 245 -2.27 -5.26 -7.54
N PHE A 246 -1.66 -4.12 -7.23
CA PHE A 246 -0.21 -4.02 -7.10
C PHE A 246 0.24 -4.84 -5.90
N ALA A 247 1.31 -5.62 -6.06
CA ALA A 247 1.75 -6.52 -5.00
C ALA A 247 2.00 -5.79 -3.69
N LYS A 248 2.49 -4.57 -3.75
CA LYS A 248 2.82 -3.83 -2.54
C LYS A 248 1.55 -3.32 -1.84
N HIS A 249 0.45 -3.27 -2.56
CA HIS A 249 -0.83 -2.87 -1.98
C HIS A 249 -1.48 -4.01 -1.20
N TYR A 250 -1.01 -5.24 -1.45
CA TYR A 250 -1.31 -6.35 -0.55
C TYR A 250 -0.38 -6.28 0.65
N GLY A 251 0.68 -5.48 0.53
CA GLY A 251 1.72 -5.40 1.53
C GLY A 251 2.83 -6.40 1.24
N ILE A 252 2.77 -6.98 0.04
CA ILE A 252 3.67 -8.07 -0.33
C ILE A 252 4.81 -7.64 -1.24
N ARG A 253 6.00 -8.16 -0.95
CA ARG A 253 7.10 -8.14 -1.91
C ARG A 253 7.36 -9.58 -2.31
N MET A 254 7.17 -9.88 -3.60
CA MET A 254 7.25 -11.25 -4.09
C MET A 254 8.58 -11.94 -3.81
N ASN A 255 9.66 -11.17 -3.71
CA ASN A 255 10.97 -11.74 -3.42
C ASN A 255 11.09 -12.30 -2.01
N SER A 256 10.26 -11.79 -1.10
CA SER A 256 10.27 -12.21 0.31
C SER A 256 9.33 -13.38 0.52
N VAL A 257 8.28 -13.43 -0.28
CA VAL A 257 7.26 -14.45 -0.16
C VAL A 257 7.57 -15.65 -1.06
N ASN A 258 7.27 -16.85 -0.59
CA ASN A 258 7.52 -18.05 -1.38
C ASN A 258 6.39 -18.36 -2.36
N PHE A 259 6.74 -18.57 -3.63
CA PHE A 259 5.75 -18.90 -4.67
C PHE A 259 6.34 -19.77 -5.78
N ARG A 260 5.46 -20.46 -6.51
CA ARG A 260 5.87 -21.30 -7.64
C ARG A 260 5.27 -20.79 -8.95
N ARG A 261 6.09 -20.78 -10.00
CA ARG A 261 5.59 -20.45 -11.32
C ARG A 261 5.13 -21.73 -12.02
N LEU A 262 3.89 -21.74 -12.48
CA LEU A 262 3.31 -22.98 -12.98
C LEU A 262 3.50 -23.17 -14.48
N SER A 263 4.11 -22.20 -15.14
CA SER A 263 4.39 -22.29 -16.57
C SER A 263 5.46 -21.29 -17.02
N ASP A 264 5.92 -21.45 -18.26
CA ASP A 264 6.82 -20.48 -18.88
C ASP A 264 6.13 -19.13 -18.95
N PRO A 265 6.91 -18.04 -19.00
CA PRO A 265 6.31 -16.70 -19.07
C PRO A 265 5.37 -16.51 -20.25
N ILE A 266 4.25 -15.86 -19.99
CA ILE A 266 3.31 -15.52 -21.06
C ILE A 266 3.56 -14.11 -21.57
N GLU A 267 4.11 -14.01 -22.78
CA GLU A 267 4.29 -12.72 -23.42
C GLU A 267 2.93 -12.20 -23.87
N LEU A 268 2.33 -11.33 -23.06
CA LEU A 268 1.01 -10.77 -23.39
C LEU A 268 1.11 -9.93 -24.66
N PHE A 269 2.10 -9.05 -24.71
CA PHE A 269 2.36 -8.26 -25.91
C PHE A 269 3.73 -7.62 -25.85
N ARG A 270 4.27 -7.29 -27.02
CA ARG A 270 5.50 -6.50 -27.07
C ARG A 270 5.25 -5.26 -27.92
N VAL A 271 5.97 -4.19 -27.61
CA VAL A 271 5.76 -2.91 -28.28
C VAL A 271 7.08 -2.32 -28.76
N ASP A 272 7.09 -1.84 -30.01
CA ASP A 272 8.21 -1.06 -30.52
C ASP A 272 7.82 0.41 -30.47
N PHE A 273 8.44 1.15 -29.55
CA PHE A 273 8.04 2.53 -29.29
C PHE A 273 8.33 3.48 -30.44
N SER A 274 9.03 3.01 -31.46
CA SER A 274 9.35 3.85 -32.60
C SER A 274 8.45 3.55 -33.79
N SER A 275 7.56 2.56 -33.65
CA SER A 275 6.69 2.20 -34.77
C SER A 275 5.32 1.64 -34.34
N SER A 276 5.23 1.10 -33.13
CA SER A 276 3.97 0.50 -32.68
C SER A 276 2.92 1.55 -32.30
N ASN A 277 1.65 1.20 -32.50
CA ASN A 277 0.53 1.97 -31.98
C ASN A 277 -0.21 1.09 -30.99
N ARG A 278 -1.15 1.64 -30.24
CA ARG A 278 -1.88 0.82 -29.27
C ARG A 278 -2.87 -0.10 -29.99
N ASN A 279 -3.21 0.25 -31.23
CA ASN A 279 -4.07 -0.59 -32.05
C ASN A 279 -3.34 -1.86 -32.50
N ASP A 280 -2.02 -1.83 -32.45
CA ASP A 280 -1.21 -3.00 -32.78
C ASP A 280 -1.39 -4.10 -31.73
N ILE A 281 -1.84 -3.70 -30.55
CA ILE A 281 -2.19 -4.63 -29.49
C ILE A 281 -3.66 -5.00 -29.61
N SER A 282 -3.93 -6.24 -30.00
CA SER A 282 -5.29 -6.71 -30.18
C SER A 282 -6.08 -6.56 -28.88
N ARG A 283 -7.32 -6.08 -28.99
CA ARG A 283 -8.19 -5.86 -27.85
C ARG A 283 -8.40 -7.15 -27.04
N ARG A 284 -8.29 -8.29 -27.73
CA ARG A 284 -8.48 -9.59 -27.11
C ARG A 284 -7.51 -10.62 -27.69
N LYS A 285 -6.71 -11.24 -26.84
CA LYS A 285 -5.75 -12.26 -27.26
C LYS A 285 -6.00 -13.56 -26.51
N HIS A 286 -5.57 -14.67 -27.10
CA HIS A 286 -5.72 -15.97 -26.45
C HIS A 286 -4.36 -16.65 -26.31
N PHE A 287 -4.20 -17.51 -25.31
CA PHE A 287 -2.89 -18.05 -25.00
C PHE A 287 -2.92 -19.54 -24.69
N ASP A 288 -2.14 -20.30 -25.47
CA ASP A 288 -1.90 -21.72 -25.19
C ASP A 288 -0.86 -21.82 -24.08
N VAL A 289 -1.33 -21.99 -22.85
CA VAL A 289 -0.41 -22.06 -21.73
C VAL A 289 -0.26 -23.47 -21.22
N VAL A 290 0.91 -24.05 -21.47
CA VAL A 290 1.17 -25.42 -21.05
C VAL A 290 1.76 -25.43 -19.65
N ALA A 291 1.12 -26.15 -18.75
CA ALA A 291 1.59 -26.24 -17.37
C ALA A 291 2.93 -26.97 -17.28
N LYS A 292 3.98 -26.25 -16.89
CA LYS A 292 5.25 -26.90 -16.59
C LYS A 292 5.03 -27.70 -15.33
N GLU A 293 4.39 -27.09 -14.33
CA GLU A 293 4.16 -27.83 -13.10
C GLU A 293 2.69 -27.89 -12.68
N SER A 294 2.37 -28.90 -11.89
CA SER A 294 1.01 -29.06 -11.38
C SER A 294 0.90 -28.36 -10.04
N GLY A 295 -0.19 -27.62 -9.86
CA GLY A 295 -0.41 -26.85 -8.65
C GLY A 295 -1.64 -26.01 -8.79
N THR A 296 -1.84 -25.08 -7.87
CA THR A 296 -3.00 -24.22 -7.90
C THR A 296 -2.65 -22.81 -8.39
N ALA A 297 -3.18 -22.44 -9.55
CA ALA A 297 -2.97 -21.11 -10.08
C ALA A 297 -3.77 -20.09 -9.29
N HIS A 298 -3.30 -19.78 -8.08
CA HIS A 298 -3.95 -18.78 -7.24
C HIS A 298 -4.13 -17.46 -7.96
N ALA A 299 -3.13 -17.07 -8.74
CA ALA A 299 -3.13 -15.77 -9.38
C ALA A 299 -2.22 -15.67 -10.60
N MET A 300 -2.48 -14.68 -11.42
CA MET A 300 -1.60 -14.36 -12.53
C MET A 300 -0.65 -13.25 -12.09
N LEU A 301 0.65 -13.53 -12.15
CA LEU A 301 1.67 -12.54 -11.78
C LEU A 301 2.05 -11.74 -13.02
N PHE A 302 2.09 -10.42 -12.88
CA PHE A 302 2.41 -9.56 -14.01
C PHE A 302 3.71 -8.76 -13.79
N TYR A 303 4.68 -8.98 -14.67
CA TYR A 303 5.91 -8.19 -14.69
C TYR A 303 6.23 -7.80 -16.12
N TRP A 304 7.30 -7.04 -16.31
CA TRP A 304 7.69 -6.63 -17.65
C TRP A 304 9.18 -6.37 -17.82
N LYS A 305 9.62 -6.33 -19.07
CA LYS A 305 11.03 -6.11 -19.40
C LYS A 305 11.15 -5.07 -20.51
N VAL A 306 12.06 -4.12 -20.32
CA VAL A 306 12.33 -3.10 -21.33
C VAL A 306 13.73 -3.32 -21.91
N THR A 307 13.83 -3.19 -23.23
CA THR A 307 15.08 -3.50 -23.92
C THR A 307 15.58 -2.33 -24.79
N ASP A 308 16.90 -2.09 -24.74
CA ASP A 308 17.55 -1.21 -25.70
C ASP A 308 18.95 -1.73 -25.98
N ASP A 309 19.16 -2.18 -27.22
CA ASP A 309 20.37 -2.92 -27.59
C ASP A 309 20.58 -4.07 -26.62
N GLU A 310 21.65 -4.00 -25.84
CA GLU A 310 22.02 -5.07 -24.94
C GLU A 310 21.49 -4.87 -23.53
N PHE A 311 20.88 -3.71 -23.28
CA PHE A 311 20.50 -3.34 -21.91
C PHE A 311 19.07 -3.70 -21.55
N VAL A 312 18.88 -4.14 -20.31
CA VAL A 312 17.61 -4.69 -19.84
C VAL A 312 17.11 -4.03 -18.56
N MET A 313 15.84 -3.61 -18.58
CA MET A 313 15.14 -3.17 -17.38
C MET A 313 14.03 -4.16 -17.04
N SER A 314 14.25 -5.00 -16.03
CA SER A 314 13.30 -6.05 -15.73
C SER A 314 12.53 -5.82 -14.42
N THR A 315 11.28 -6.26 -14.41
CA THR A 315 10.37 -6.09 -13.27
C THR A 315 10.15 -7.48 -12.64
N ASP A 316 10.51 -8.51 -13.40
CA ASP A 316 10.55 -9.88 -12.89
C ASP A 316 11.24 -9.92 -11.53
N PRO A 317 10.54 -10.47 -10.51
CA PRO A 317 11.09 -10.54 -9.16
C PRO A 317 12.39 -11.33 -9.05
N GLU A 318 12.71 -12.12 -10.07
CA GLU A 318 13.96 -12.87 -10.08
C GLU A 318 15.16 -11.98 -10.37
N ASP A 319 14.89 -10.78 -10.87
CA ASP A 319 15.93 -9.82 -11.20
C ASP A 319 16.01 -8.68 -10.20
N THR A 320 15.01 -8.59 -9.33
CA THR A 320 14.92 -7.50 -8.37
C THR A 320 15.25 -7.95 -6.95
N VAL A 321 15.86 -9.13 -6.82
CA VAL A 321 16.21 -9.70 -5.53
C VAL A 321 17.12 -8.77 -4.72
N ASN A 322 18.04 -8.09 -5.42
CA ASN A 322 18.93 -7.15 -4.77
C ASN A 322 18.51 -5.71 -5.06
N ASN A 323 17.49 -5.56 -5.91
CA ASN A 323 17.01 -4.24 -6.28
C ASN A 323 15.78 -3.86 -5.49
N PHE A 324 15.96 -3.80 -4.17
CA PHE A 324 14.91 -3.43 -3.23
C PHE A 324 14.19 -2.11 -3.57
N PRO A 325 14.93 -1.08 -4.06
CA PRO A 325 14.17 0.12 -4.44
C PRO A 325 13.22 -0.08 -5.62
N ARG A 326 13.56 -0.95 -6.57
CA ARG A 326 12.68 -1.19 -7.71
C ARG A 326 11.40 -1.87 -7.29
N ASP A 327 11.49 -2.81 -6.36
CA ASP A 327 10.30 -3.51 -5.88
C ASP A 327 9.37 -2.57 -5.13
N MET A 328 9.92 -1.45 -4.69
CA MET A 328 9.12 -0.47 -3.95
C MET A 328 8.48 0.56 -4.87
N GLN A 329 9.19 0.94 -5.93
CA GLN A 329 8.66 1.93 -6.84
C GLN A 329 7.77 1.30 -7.91
N TRP A 330 8.05 0.03 -8.22
CA TRP A 330 7.22 -0.70 -9.17
C TRP A 330 6.64 -1.97 -8.61
N GLY A 331 7.52 -2.88 -8.18
CA GLY A 331 7.09 -4.18 -7.72
C GLY A 331 6.37 -4.90 -8.85
N GLN A 332 5.45 -5.79 -8.50
CA GLN A 332 4.75 -6.55 -9.52
C GLN A 332 3.24 -6.38 -9.37
N ALA A 333 2.48 -6.88 -10.33
CA ALA A 333 1.03 -6.84 -10.24
C ALA A 333 0.44 -8.23 -10.07
N LEU A 334 -0.78 -8.30 -9.56
CA LEU A 334 -1.44 -9.57 -9.28
C LEU A 334 -2.89 -9.52 -9.69
N GLN A 335 -3.35 -10.60 -10.33
CA GLN A 335 -4.78 -10.80 -10.54
C GLN A 335 -5.17 -12.18 -10.07
N LEU A 336 -6.18 -12.25 -9.20
CA LEU A 336 -6.66 -13.54 -8.73
C LEU A 336 -7.47 -14.24 -9.83
N LEU A 337 -7.27 -15.54 -9.97
CA LEU A 337 -7.91 -16.30 -11.04
C LEU A 337 -9.11 -17.11 -10.55
N ASP A 338 -10.27 -16.86 -11.15
CA ASP A 338 -11.45 -17.71 -10.96
C ASP A 338 -11.63 -18.55 -12.22
N ALA A 339 -11.86 -19.85 -12.03
CA ALA A 339 -11.89 -20.78 -13.17
C ALA A 339 -13.16 -20.64 -14.00
N SER A 340 -14.28 -20.31 -13.38
CA SER A 340 -15.53 -20.17 -14.13
C SER A 340 -16.43 -19.07 -13.56
N ASN A 341 -17.74 -19.24 -13.74
CA ASN A 341 -18.71 -18.21 -13.36
C ASN A 341 -19.78 -18.73 -12.41
N GLY A 342 -19.39 -19.57 -11.47
CA GLY A 342 -20.33 -20.06 -10.48
C GLY A 342 -20.66 -18.99 -9.46
N PRO A 343 -21.53 -19.33 -8.50
CA PRO A 343 -21.86 -18.42 -7.40
C PRO A 343 -20.67 -18.21 -6.46
N LEU A 344 -19.67 -19.07 -6.60
CA LEU A 344 -18.47 -19.04 -5.78
C LEU A 344 -17.22 -19.15 -6.66
N PRO A 345 -16.10 -18.62 -6.19
CA PRO A 345 -14.88 -18.75 -6.99
C PRO A 345 -14.42 -20.19 -7.11
N THR A 346 -14.01 -20.59 -8.30
CA THR A 346 -13.46 -21.91 -8.52
C THR A 346 -11.96 -21.82 -8.76
N PRO A 347 -11.17 -22.55 -7.96
CA PRO A 347 -9.71 -22.53 -8.12
C PRO A 347 -9.28 -23.03 -9.50
N VAL A 348 -8.40 -22.30 -10.16
CA VAL A 348 -7.76 -22.78 -11.38
C VAL A 348 -6.63 -23.72 -11.01
N VAL A 349 -6.82 -25.01 -11.26
CA VAL A 349 -5.82 -26.00 -10.88
C VAL A 349 -5.08 -26.54 -12.10
N PHE A 350 -3.75 -26.52 -12.03
CA PHE A 350 -2.92 -26.98 -13.13
C PHE A 350 -2.48 -28.42 -12.91
N THR A 351 -2.57 -29.22 -13.97
CA THR A 351 -1.96 -30.54 -13.99
C THR A 351 -0.82 -30.52 -14.98
N GLU A 352 0.38 -30.82 -14.49
CA GLU A 352 1.59 -30.77 -15.31
C GLU A 352 1.42 -31.47 -16.66
N GLY A 353 1.75 -30.76 -17.72
CA GLY A 353 1.73 -31.33 -19.07
C GLY A 353 0.47 -31.03 -19.85
N LYS A 354 -0.59 -30.62 -19.16
CA LYS A 354 -1.83 -30.29 -19.85
C LYS A 354 -1.83 -28.83 -20.30
N ASN A 355 -2.74 -28.49 -21.19
CA ASN A 355 -2.83 -27.14 -21.72
C ASN A 355 -3.98 -26.36 -21.09
N TYR A 356 -3.77 -25.07 -20.86
CA TYR A 356 -4.80 -24.21 -20.33
C TYR A 356 -4.89 -22.95 -21.18
N ASN A 357 -6.00 -22.79 -21.87
CA ASN A 357 -6.21 -21.62 -22.71
C ASN A 357 -6.73 -20.44 -21.89
N PHE A 358 -6.09 -19.29 -22.03
CA PHE A 358 -6.54 -18.08 -21.36
C PHE A 358 -6.94 -17.03 -22.38
N GLU A 359 -8.00 -16.30 -22.06
CA GLU A 359 -8.38 -15.13 -22.83
C GLU A 359 -7.90 -13.87 -22.11
N CYS A 360 -7.23 -13.00 -22.84
CA CYS A 360 -6.75 -11.73 -22.28
C CYS A 360 -7.50 -10.55 -22.89
N ASN A 361 -8.22 -9.81 -22.05
CA ASN A 361 -8.97 -8.64 -22.52
C ASN A 361 -8.31 -7.33 -22.10
N PHE A 362 -8.03 -6.48 -23.08
CA PHE A 362 -7.47 -5.17 -22.81
C PHE A 362 -8.55 -4.10 -22.79
N SER A 363 -8.40 -3.12 -21.91
CA SER A 363 -9.25 -1.93 -21.97
C SER A 363 -8.90 -1.14 -23.23
N GLY A 364 -9.75 -0.20 -23.60
CA GLY A 364 -9.56 0.57 -24.81
C GLY A 364 -8.21 1.25 -24.92
N ASP A 365 -7.75 1.85 -23.83
CA ASP A 365 -6.47 2.54 -23.81
C ASP A 365 -5.32 1.59 -23.50
N ARG A 366 -5.62 0.30 -23.51
CA ARG A 366 -4.64 -0.76 -23.24
C ARG A 366 -3.90 -0.58 -21.90
N VAL A 367 -4.49 0.21 -20.99
CA VAL A 367 -3.89 0.49 -19.69
C VAL A 367 -4.23 -0.62 -18.69
N ILE A 368 -5.42 -1.19 -18.83
CA ILE A 368 -5.88 -2.25 -17.94
C ILE A 368 -6.08 -3.53 -18.74
N LEU A 369 -5.79 -4.68 -18.12
CA LEU A 369 -6.06 -5.96 -18.76
C LEU A 369 -6.61 -6.98 -17.76
N HIS A 370 -7.02 -8.13 -18.26
CA HIS A 370 -7.56 -9.20 -17.42
C HIS A 370 -7.32 -10.58 -18.04
N MET A 371 -6.90 -11.52 -17.21
CA MET A 371 -6.69 -12.90 -17.66
C MET A 371 -7.83 -13.79 -17.17
N GLN A 372 -8.54 -14.41 -18.10
CA GLN A 372 -9.64 -15.30 -17.76
C GLN A 372 -9.43 -16.70 -18.35
N LEU A 373 -9.52 -17.71 -17.50
CA LEU A 373 -9.42 -19.09 -17.97
C LEU A 373 -10.57 -19.44 -18.91
N CYS A 374 -10.23 -20.04 -20.05
CA CYS A 374 -11.24 -20.51 -21.00
C CYS A 374 -11.69 -21.93 -20.66
N PRO A 375 -12.99 -22.10 -20.41
CA PRO A 375 -13.56 -23.42 -20.14
C PRO A 375 -13.65 -24.29 -21.40
N GLU A 376 -13.74 -25.59 -21.21
CA GLU A 376 -13.82 -26.52 -22.34
C GLU A 376 -15.12 -26.34 -23.12
N MET A 382 -18.66 -15.87 -20.24
CA MET A 382 -17.79 -14.71 -20.04
C MET A 382 -16.65 -14.71 -21.06
N THR A 383 -16.32 -15.90 -21.56
CA THR A 383 -15.24 -16.06 -22.51
C THR A 383 -15.72 -16.25 -23.95
N GLU A 384 -14.94 -15.74 -24.89
CA GLU A 384 -15.17 -16.01 -26.31
C GLU A 384 -14.06 -16.94 -26.78
N CYS A 385 -14.36 -18.24 -26.77
CA CYS A 385 -13.38 -19.28 -27.09
C CYS A 385 -14.02 -20.52 -27.70
N GLY B 36 -33.36 -4.36 -16.46
CA GLY B 36 -32.78 -4.60 -15.16
C GLY B 36 -32.33 -3.34 -14.47
N TYR B 37 -31.79 -3.48 -13.27
CA TYR B 37 -31.30 -2.33 -12.51
C TYR B 37 -29.87 -2.56 -12.00
N ARG B 38 -29.10 -1.49 -11.96
CA ARG B 38 -27.75 -1.55 -11.40
C ARG B 38 -27.61 -0.50 -10.30
N PRO B 39 -27.20 -0.94 -9.10
CA PRO B 39 -26.85 0.03 -8.06
C PRO B 39 -25.75 0.96 -8.53
N PRO B 40 -25.80 2.24 -8.14
CA PRO B 40 -24.78 3.22 -8.53
C PRO B 40 -23.37 2.80 -8.09
N ASP B 41 -23.29 2.05 -7.00
CA ASP B 41 -22.02 1.63 -6.43
C ASP B 41 -21.63 0.23 -6.88
N ALA B 42 -22.27 -0.28 -7.93
CA ALA B 42 -22.01 -1.62 -8.41
C ALA B 42 -20.57 -1.77 -8.89
N PHE B 43 -20.03 -2.98 -8.75
CA PHE B 43 -18.65 -3.27 -9.09
C PHE B 43 -18.34 -3.06 -10.57
N VAL B 44 -19.27 -3.50 -11.42
CA VAL B 44 -19.11 -3.39 -12.88
C VAL B 44 -18.81 -1.97 -13.34
N ASN B 45 -19.48 -1.02 -12.70
CA ASN B 45 -19.33 0.39 -13.01
C ASN B 45 -17.88 0.88 -12.93
N ARG B 46 -17.08 0.17 -12.16
CA ARG B 46 -15.68 0.50 -11.95
C ARG B 46 -14.79 -0.15 -13.03
N ILE B 47 -15.42 -0.91 -13.93
CA ILE B 47 -14.67 -1.78 -14.83
C ILE B 47 -14.97 -1.57 -16.32
N ASP B 48 -13.90 -1.48 -17.11
CA ASP B 48 -13.99 -1.33 -18.57
C ASP B 48 -14.90 -2.38 -19.20
N ARG B 49 -15.68 -1.95 -20.19
CA ARG B 49 -16.68 -2.78 -20.86
C ARG B 49 -16.09 -4.07 -21.44
N ASN B 50 -14.80 -4.04 -21.75
CA ASN B 50 -14.13 -5.17 -22.39
C ASN B 50 -13.74 -6.25 -21.40
N ILE B 51 -13.85 -5.95 -20.12
CA ILE B 51 -13.35 -6.87 -19.09
C ILE B 51 -14.49 -7.59 -18.39
N PRO B 52 -14.41 -8.92 -18.36
CA PRO B 52 -15.45 -9.82 -17.84
C PRO B 52 -15.57 -9.78 -16.32
N VAL B 53 -16.80 -9.79 -15.82
CA VAL B 53 -17.05 -9.80 -14.38
C VAL B 53 -18.05 -10.90 -14.00
N PRO B 54 -17.69 -11.74 -13.02
CA PRO B 54 -18.56 -12.82 -12.55
C PRO B 54 -19.87 -12.29 -11.97
N ALA B 55 -20.99 -12.94 -12.25
CA ALA B 55 -22.30 -12.50 -11.76
C ALA B 55 -22.31 -12.24 -10.25
N ARG B 56 -21.51 -13.00 -9.52
CA ARG B 56 -21.39 -12.86 -8.07
C ARG B 56 -20.78 -11.52 -7.63
N LEU B 57 -20.21 -10.78 -8.57
CA LEU B 57 -19.55 -9.52 -8.23
C LEU B 57 -20.24 -8.30 -8.84
N ARG B 58 -20.87 -8.49 -10.01
CA ARG B 58 -21.32 -7.39 -10.86
C ARG B 58 -22.15 -6.32 -10.16
N HIS B 59 -23.23 -6.71 -9.49
CA HIS B 59 -24.10 -5.72 -8.88
C HIS B 59 -23.80 -5.49 -7.41
N THR B 60 -22.77 -6.17 -6.90
CA THR B 60 -22.34 -5.99 -5.52
C THR B 60 -21.62 -4.65 -5.36
N PRO B 61 -21.96 -3.89 -4.31
CA PRO B 61 -21.35 -2.58 -4.00
C PRO B 61 -19.82 -2.61 -3.94
N VAL B 62 -19.19 -1.63 -4.58
CA VAL B 62 -17.74 -1.53 -4.64
C VAL B 62 -17.07 -1.52 -3.26
N SER B 63 -17.61 -0.72 -2.35
CA SER B 63 -16.99 -0.54 -1.04
C SER B 63 -16.95 -1.85 -0.25
N LEU B 64 -18.05 -2.60 -0.30
CA LEU B 64 -18.13 -3.88 0.41
C LEU B 64 -17.09 -4.85 -0.13
N ILE B 65 -16.99 -4.91 -1.46
CA ILE B 65 -15.99 -5.75 -2.11
C ILE B 65 -14.60 -5.33 -1.68
N GLU B 66 -14.35 -4.02 -1.71
CA GLU B 66 -13.06 -3.47 -1.31
C GLU B 66 -12.77 -3.72 0.16
N ALA B 67 -13.78 -3.58 1.00
CA ALA B 67 -13.62 -3.83 2.43
C ALA B 67 -13.17 -5.27 2.70
N VAL B 68 -13.90 -6.22 2.14
CA VAL B 68 -13.65 -7.64 2.38
C VAL B 68 -12.30 -8.08 1.80
N ASN B 69 -12.04 -7.73 0.55
CA ASN B 69 -10.80 -8.10 -0.10
C ASN B 69 -9.54 -7.47 0.52
N ASP B 70 -9.68 -6.29 1.11
CA ASP B 70 -8.51 -5.57 1.63
C ASP B 70 -8.22 -5.83 3.11
N PHE B 71 -9.23 -6.17 3.90
CA PHE B 71 -9.04 -6.32 5.34
C PHE B 71 -9.54 -7.64 5.90
N HIS B 72 -10.78 -7.99 5.58
CA HIS B 72 -11.45 -9.06 6.29
C HIS B 72 -10.82 -10.43 6.07
N TYR B 73 -10.49 -10.75 4.82
CA TYR B 73 -9.81 -12.01 4.51
C TYR B 73 -8.54 -12.19 5.34
N ALA B 74 -7.79 -11.11 5.51
CA ALA B 74 -6.56 -11.16 6.28
C ALA B 74 -6.86 -11.30 7.77
N MET B 75 -7.93 -10.66 8.23
CA MET B 75 -8.32 -10.73 9.64
C MET B 75 -8.66 -12.15 10.03
N MET B 76 -9.44 -12.83 9.19
CA MET B 76 -9.96 -14.15 9.51
C MET B 76 -8.89 -15.22 9.51
N ASN B 77 -7.79 -14.96 8.80
CA ASN B 77 -6.68 -15.90 8.76
C ASN B 77 -5.65 -15.59 9.84
N ASP B 78 -5.91 -14.56 10.64
CA ASP B 78 -5.13 -14.29 11.83
C ASP B 78 -5.61 -15.23 12.93
N GLU B 79 -5.24 -16.50 12.82
CA GLU B 79 -5.68 -17.55 13.74
C GLU B 79 -5.44 -17.15 15.18
N GLU B 80 -4.28 -16.57 15.41
CA GLU B 80 -3.84 -16.15 16.74
C GLU B 80 -4.74 -15.06 17.31
N ARG B 81 -5.22 -14.18 16.44
CA ARG B 81 -6.20 -13.17 16.81
C ARG B 81 -7.54 -13.80 17.14
N ASN B 82 -8.01 -14.68 16.26
CA ASN B 82 -9.23 -15.42 16.50
C ASN B 82 -9.13 -16.27 17.76
N ASN B 83 -7.98 -16.91 17.94
CA ASN B 83 -7.72 -17.72 19.12
C ASN B 83 -7.67 -16.86 20.38
N PHE B 84 -7.22 -15.62 20.24
CA PHE B 84 -7.20 -14.68 21.36
C PHE B 84 -8.61 -14.42 21.88
N TYR B 85 -9.50 -14.02 20.99
CA TYR B 85 -10.86 -13.66 21.39
C TYR B 85 -11.69 -14.89 21.80
N TYR B 86 -11.41 -16.04 21.21
CA TYR B 86 -12.13 -17.24 21.58
C TYR B 86 -11.79 -17.65 23.01
N GLU B 87 -10.52 -17.50 23.38
CA GLU B 87 -10.06 -17.89 24.70
C GLU B 87 -10.55 -16.95 25.80
N VAL B 88 -10.55 -15.65 25.52
CA VAL B 88 -11.01 -14.68 26.50
C VAL B 88 -12.53 -14.77 26.70
N LEU B 89 -13.26 -15.00 25.61
CA LEU B 89 -14.70 -15.22 25.69
C LEU B 89 -15.02 -16.52 26.43
N LYS B 90 -14.18 -17.53 26.24
CA LYS B 90 -14.37 -18.86 26.80
C LYS B 90 -14.46 -18.85 28.33
N LYS B 91 -13.85 -17.84 28.95
CA LYS B 91 -13.87 -17.73 30.41
C LYS B 91 -14.81 -16.61 30.90
N HIS B 92 -15.76 -16.22 30.05
CA HIS B 92 -16.73 -15.20 30.42
C HIS B 92 -18.12 -15.44 29.85
N VAL B 93 -18.31 -16.57 29.17
CA VAL B 93 -19.60 -16.87 28.55
C VAL B 93 -20.33 -18.01 29.25
N THR B 94 -21.47 -17.66 29.87
CA THR B 94 -22.39 -18.62 30.48
C THR B 94 -23.64 -18.64 29.60
N PRO B 95 -24.42 -19.72 29.66
CA PRO B 95 -25.76 -19.67 29.03
C PRO B 95 -26.64 -18.52 29.51
N GLU B 96 -26.20 -17.75 30.49
CA GLU B 96 -26.91 -16.55 30.93
C GLU B 96 -26.14 -15.28 30.60
N THR B 97 -25.18 -15.38 29.68
CA THR B 97 -24.37 -14.23 29.28
C THR B 97 -24.94 -13.48 28.10
N GLY B 98 -25.26 -12.20 28.31
CA GLY B 98 -25.65 -11.31 27.23
C GLY B 98 -24.44 -10.58 26.67
N VAL B 99 -24.21 -10.74 25.38
CA VAL B 99 -23.00 -10.21 24.72
C VAL B 99 -23.33 -9.06 23.77
N LEU B 100 -22.47 -8.04 23.75
CA LEU B 100 -22.59 -6.93 22.81
C LEU B 100 -21.27 -6.68 22.09
N GLU B 101 -21.27 -6.81 20.76
CA GLU B 101 -20.07 -6.54 20.00
C GLU B 101 -20.14 -5.23 19.23
N ILE B 102 -19.10 -4.42 19.36
CA ILE B 102 -18.97 -3.20 18.57
C ILE B 102 -18.19 -3.51 17.30
N GLY B 103 -18.77 -3.19 16.16
CA GLY B 103 -18.14 -3.47 14.89
C GLY B 103 -18.11 -4.96 14.59
N ALA B 104 -19.23 -5.48 14.11
CA ALA B 104 -19.37 -6.90 13.85
C ALA B 104 -18.69 -7.32 12.57
N GLY B 105 -18.75 -6.45 11.56
CA GLY B 105 -18.21 -6.76 10.24
C GLY B 105 -18.79 -8.06 9.71
N SER B 106 -17.96 -9.09 9.66
CA SER B 106 -18.36 -10.39 9.16
C SER B 106 -19.14 -11.18 10.21
N GLY B 107 -18.92 -10.85 11.48
CA GLY B 107 -19.65 -11.47 12.57
C GLY B 107 -18.94 -12.67 13.19
N LEU B 108 -17.70 -12.90 12.82
CA LEU B 108 -16.92 -14.03 13.33
C LEU B 108 -16.84 -14.04 14.85
N LEU B 109 -16.53 -12.89 15.45
CA LEU B 109 -16.43 -12.81 16.89
C LEU B 109 -17.79 -13.06 17.56
N SER B 110 -18.84 -12.48 16.98
CA SER B 110 -20.19 -12.70 17.49
C SER B 110 -20.58 -14.16 17.39
N LEU B 111 -20.10 -14.84 16.35
CA LEU B 111 -20.33 -16.27 16.21
C LEU B 111 -19.64 -17.04 17.33
N MET B 112 -18.47 -16.58 17.74
CA MET B 112 -17.73 -17.21 18.83
C MET B 112 -18.51 -17.15 20.13
N ALA B 113 -19.08 -15.97 20.42
CA ALA B 113 -19.87 -15.77 21.62
C ALA B 113 -21.03 -16.76 21.69
N ALA B 114 -21.74 -16.87 20.57
CA ALA B 114 -22.88 -17.78 20.48
C ALA B 114 -22.43 -19.23 20.52
N LYS B 115 -21.33 -19.52 19.85
CA LYS B 115 -20.75 -20.86 19.79
C LYS B 115 -20.45 -21.39 21.20
N LEU B 116 -20.08 -20.48 22.09
CA LEU B 116 -19.77 -20.83 23.47
C LEU B 116 -21.04 -20.89 24.30
N GLY B 117 -22.19 -20.80 23.64
CA GLY B 117 -23.48 -20.94 24.30
C GLY B 117 -23.91 -19.72 25.07
N ALA B 118 -23.95 -18.57 24.40
CA ALA B 118 -24.36 -17.33 25.05
C ALA B 118 -25.87 -17.17 24.98
N LYS B 119 -26.44 -16.44 25.93
CA LYS B 119 -27.90 -16.29 26.01
C LYS B 119 -28.39 -15.44 24.85
N TRP B 120 -27.80 -14.26 24.64
CA TRP B 120 -28.09 -13.48 23.44
C TRP B 120 -26.88 -12.68 22.98
N VAL B 121 -26.78 -12.45 21.67
CA VAL B 121 -25.69 -11.66 21.10
C VAL B 121 -26.24 -10.60 20.15
N VAL B 122 -25.92 -9.35 20.43
CA VAL B 122 -26.34 -8.24 19.57
C VAL B 122 -25.10 -7.56 19.00
N ALA B 123 -24.96 -7.64 17.69
CA ALA B 123 -23.77 -7.15 17.02
C ALA B 123 -24.05 -5.90 16.19
N VAL B 124 -23.29 -4.85 16.45
CA VAL B 124 -23.50 -3.59 15.76
C VAL B 124 -22.51 -3.42 14.62
N GLU B 125 -22.97 -2.88 13.50
CA GLU B 125 -22.12 -2.65 12.34
C GLU B 125 -22.56 -1.38 11.60
N GLY B 126 -21.58 -0.52 11.30
CA GLY B 126 -21.86 0.80 10.76
C GLY B 126 -22.29 0.86 9.31
N SER B 127 -21.62 0.11 8.45
CA SER B 127 -21.96 0.10 7.03
C SER B 127 -23.01 -0.95 6.70
N GLU B 128 -23.86 -0.65 5.72
CA GLU B 128 -25.03 -1.45 5.42
C GLU B 128 -24.71 -2.83 4.86
N GLU B 129 -23.78 -2.89 3.92
CA GLU B 129 -23.48 -4.13 3.22
C GLU B 129 -22.75 -5.12 4.11
N LEU B 130 -21.91 -4.62 5.01
CA LEU B 130 -21.25 -5.49 5.99
C LEU B 130 -22.27 -6.08 6.96
N ALA B 131 -23.35 -5.34 7.21
CA ALA B 131 -24.40 -5.79 8.11
C ALA B 131 -25.09 -7.04 7.57
N LYS B 132 -25.45 -7.00 6.29
CA LYS B 132 -26.10 -8.12 5.63
C LYS B 132 -25.17 -9.33 5.56
N LEU B 133 -23.93 -9.08 5.17
CA LEU B 133 -22.94 -10.14 5.03
C LEU B 133 -22.75 -10.90 6.33
N ALA B 134 -22.85 -10.18 7.45
CA ALA B 134 -22.78 -10.80 8.76
C ALA B 134 -23.97 -11.74 8.95
N ARG B 135 -25.17 -11.21 8.72
CA ARG B 135 -26.39 -11.99 8.85
C ARG B 135 -26.38 -13.24 8.00
N GLU B 136 -25.86 -13.13 6.78
CA GLU B 136 -25.80 -14.28 5.88
C GLU B 136 -24.83 -15.33 6.42
N ASN B 137 -23.74 -14.88 7.01
CA ASN B 137 -22.81 -15.79 7.69
C ASN B 137 -23.45 -16.41 8.92
N ILE B 138 -24.40 -15.69 9.49
CA ILE B 138 -25.09 -16.12 10.70
C ILE B 138 -26.18 -17.15 10.37
N ARG B 139 -26.82 -17.02 9.21
CA ARG B 139 -27.78 -18.03 8.76
C ARG B 139 -27.09 -19.26 8.22
N ALA B 140 -25.98 -19.06 7.52
CA ALA B 140 -25.20 -20.16 6.93
C ALA B 140 -24.72 -21.09 8.02
N ASN B 141 -24.43 -20.49 9.17
CA ASN B 141 -24.23 -21.27 10.37
C ASN B 141 -25.52 -21.32 11.19
N ASN B 142 -25.52 -22.14 12.23
CA ASN B 142 -26.59 -22.28 13.21
C ASN B 142 -27.25 -20.96 13.69
N MET B 143 -26.46 -19.95 14.07
CA MET B 143 -26.94 -18.91 15.01
C MET B 143 -27.94 -17.80 14.56
N GLU B 144 -28.90 -18.04 13.69
CA GLU B 144 -29.77 -16.91 13.32
C GLU B 144 -30.70 -16.48 14.47
N HIS B 145 -30.95 -17.40 15.40
CA HIS B 145 -31.82 -17.15 16.55
C HIS B 145 -31.08 -16.48 17.70
N GLN B 146 -29.78 -16.77 17.78
CA GLN B 146 -28.97 -16.35 18.91
C GLN B 146 -28.34 -14.97 18.70
N VAL B 147 -27.85 -14.73 17.50
CA VAL B 147 -27.12 -13.51 17.18
C VAL B 147 -27.93 -12.56 16.29
N LYS B 148 -28.00 -11.30 16.68
CA LYS B 148 -28.70 -10.30 15.89
C LYS B 148 -27.73 -9.17 15.49
N VAL B 149 -27.85 -8.70 14.25
CA VAL B 149 -26.97 -7.65 13.75
C VAL B 149 -27.72 -6.36 13.46
N LEU B 150 -27.38 -5.29 14.17
CA LEU B 150 -28.04 -4.00 13.98
C LEU B 150 -27.24 -3.10 13.05
N HIS B 151 -27.92 -2.54 12.05
CA HIS B 151 -27.31 -1.54 11.17
C HIS B 151 -27.29 -0.17 11.84
N MET B 152 -26.17 0.18 12.44
CA MET B 152 -25.97 1.51 13.01
C MET B 152 -24.53 1.64 13.49
N MET B 153 -24.18 2.86 13.92
CA MET B 153 -22.94 3.04 14.63
C MET B 153 -23.23 2.85 16.11
N SER B 154 -22.23 2.43 16.88
CA SER B 154 -22.40 2.21 18.30
C SER B 154 -22.83 3.49 19.02
N THR B 155 -22.58 4.63 18.37
CA THR B 155 -22.94 5.93 18.91
C THR B 155 -24.45 6.09 19.06
N GLU B 156 -25.20 5.57 18.10
CA GLU B 156 -26.65 5.71 18.12
C GLU B 156 -27.35 4.48 18.72
N LEU B 157 -26.56 3.54 19.23
CA LEU B 157 -27.10 2.40 19.97
C LEU B 157 -27.66 2.86 21.31
N LYS B 158 -28.94 2.59 21.54
CA LYS B 158 -29.63 3.03 22.74
C LYS B 158 -30.04 1.83 23.60
N PRO B 159 -30.33 2.06 24.90
CA PRO B 159 -30.72 0.94 25.78
C PRO B 159 -31.95 0.19 25.28
N LYS B 160 -32.81 0.89 24.55
CA LYS B 160 -34.01 0.31 23.95
C LYS B 160 -33.68 -0.82 22.96
N HIS B 161 -32.53 -0.70 22.30
CA HIS B 161 -32.14 -1.67 21.28
C HIS B 161 -31.59 -2.97 21.88
N LEU B 162 -31.42 -3.01 23.20
CA LEU B 162 -30.87 -4.19 23.85
C LEU B 162 -31.87 -4.83 24.80
N PRO B 163 -31.85 -6.18 24.88
CA PRO B 163 -32.70 -6.93 25.82
C PRO B 163 -32.48 -6.46 27.26
N GLU B 164 -31.23 -6.18 27.58
CA GLU B 164 -30.82 -5.72 28.89
C GLU B 164 -29.38 -5.23 28.75
N PRO B 165 -28.82 -4.59 29.80
CA PRO B 165 -27.38 -4.35 29.73
C PRO B 165 -26.60 -5.65 29.57
N PRO B 166 -25.64 -5.70 28.63
CA PRO B 166 -24.89 -6.92 28.33
C PRO B 166 -23.91 -7.30 29.44
N ASP B 167 -23.63 -8.59 29.57
CA ASP B 167 -22.65 -9.07 30.54
C ASP B 167 -21.23 -8.87 30.00
N VAL B 168 -21.09 -8.95 28.68
CA VAL B 168 -19.81 -8.84 28.01
C VAL B 168 -19.87 -7.86 26.85
N LEU B 169 -18.87 -6.98 26.76
CA LEU B 169 -18.72 -6.12 25.60
C LEU B 169 -17.56 -6.59 24.73
N LEU B 170 -17.85 -6.84 23.45
CA LEU B 170 -16.84 -7.32 22.51
C LEU B 170 -16.39 -6.22 21.55
N SER B 171 -15.10 -6.21 21.24
CA SER B 171 -14.54 -5.19 20.36
C SER B 171 -13.25 -5.61 19.68
N GLU B 172 -13.24 -5.52 18.35
CA GLU B 172 -11.99 -5.40 17.63
C GLU B 172 -12.14 -4.21 16.69
N ILE B 173 -11.66 -3.05 17.14
CA ILE B 173 -11.64 -1.87 16.31
C ILE B 173 -10.27 -1.19 16.44
N PHE B 174 -9.23 -2.03 16.46
CA PHE B 174 -7.85 -1.57 16.46
C PHE B 174 -7.33 -1.42 15.04
N GLY B 175 -6.53 -0.38 14.80
CA GLY B 175 -5.85 -0.21 13.54
C GLY B 175 -4.37 -0.49 13.70
N THR B 176 -3.60 -0.16 12.67
CA THR B 176 -2.14 -0.25 12.73
C THR B 176 -1.67 0.56 13.93
N MET B 177 -2.31 1.70 14.15
CA MET B 177 -2.22 2.40 15.42
C MET B 177 -3.40 1.97 16.28
N MET B 178 -3.12 1.65 17.55
CA MET B 178 -4.13 1.10 18.45
C MET B 178 -5.44 1.89 18.42
N LEU B 179 -5.33 3.19 18.65
CA LEU B 179 -6.50 4.06 18.64
C LEU B 179 -6.70 4.67 17.26
N GLY B 180 -6.07 4.05 16.26
CA GLY B 180 -6.13 4.51 14.89
C GLY B 180 -7.52 4.61 14.32
N GLU B 181 -8.43 3.76 14.79
CA GLU B 181 -9.83 3.85 14.40
C GLU B 181 -10.73 4.12 15.61
N SER B 182 -10.18 4.87 16.56
CA SER B 182 -10.93 5.42 17.70
C SER B 182 -11.58 4.38 18.61
N ALA B 183 -10.84 3.32 18.93
CA ALA B 183 -11.37 2.24 19.76
C ALA B 183 -11.76 2.71 21.17
N LEU B 184 -10.92 3.56 21.76
CA LEU B 184 -11.17 4.04 23.11
C LEU B 184 -12.43 4.89 23.18
N ASP B 185 -12.62 5.75 22.18
CA ASP B 185 -13.78 6.64 22.18
C ASP B 185 -15.11 5.91 22.03
N TYR B 186 -15.14 4.89 21.18
CA TYR B 186 -16.37 4.14 20.92
C TYR B 186 -16.78 3.28 22.11
N VAL B 187 -15.80 2.69 22.78
CA VAL B 187 -16.07 1.91 23.99
C VAL B 187 -16.51 2.82 25.13
N VAL B 188 -15.83 3.94 25.30
CA VAL B 188 -16.15 4.91 26.36
C VAL B 188 -17.59 5.40 26.26
N ASP B 189 -18.03 5.72 25.04
CA ASP B 189 -19.40 6.18 24.81
C ASP B 189 -20.39 5.11 25.21
N VAL B 190 -20.14 3.88 24.77
CA VAL B 190 -20.98 2.75 25.08
C VAL B 190 -20.89 2.38 26.57
N ARG B 191 -19.70 2.53 27.15
CA ARG B 191 -19.47 2.23 28.56
C ARG B 191 -20.30 3.13 29.46
N ASN B 192 -20.49 4.37 29.03
CA ASN B 192 -21.19 5.35 29.84
C ASN B 192 -22.71 5.24 29.76
N ARG B 193 -23.20 4.62 28.69
CA ARG B 193 -24.63 4.63 28.38
C ARG B 193 -25.33 3.28 28.47
N LEU B 194 -24.62 2.20 28.15
CA LEU B 194 -25.28 0.91 27.93
C LEU B 194 -24.83 -0.21 28.86
N LEU B 195 -23.65 -0.06 29.45
CA LEU B 195 -23.09 -1.14 30.27
C LEU B 195 -23.54 -1.06 31.72
N LYS B 196 -23.48 -2.18 32.41
CA LYS B 196 -23.77 -2.25 33.85
C LYS B 196 -22.47 -2.54 34.60
N PRO B 197 -22.41 -2.20 35.91
CA PRO B 197 -21.23 -2.42 36.75
C PRO B 197 -20.47 -3.73 36.51
N THR B 198 -21.18 -4.85 36.53
CA THR B 198 -20.54 -6.15 36.45
C THR B 198 -20.08 -6.52 35.02
N THR B 199 -20.29 -5.62 34.07
CA THR B 199 -19.95 -5.89 32.67
C THR B 199 -18.45 -6.06 32.44
N LYS B 200 -18.06 -7.20 31.90
CA LYS B 200 -16.67 -7.45 31.52
C LYS B 200 -16.41 -6.93 30.12
N ILE B 201 -15.37 -6.10 29.97
CA ILE B 201 -15.03 -5.52 28.68
C ILE B 201 -13.85 -6.23 28.02
N ILE B 202 -14.08 -6.73 26.81
CA ILE B 202 -13.06 -7.43 26.05
C ILE B 202 -12.65 -6.61 24.83
N PRO B 203 -11.34 -6.36 24.67
CA PRO B 203 -10.29 -6.74 25.60
C PRO B 203 -10.03 -5.68 26.68
N GLN B 204 -9.30 -6.08 27.72
CA GLN B 204 -9.12 -5.29 28.94
C GLN B 204 -8.11 -4.15 28.80
N PHE B 205 -6.87 -4.48 28.47
CA PHE B 205 -5.78 -3.52 28.43
C PHE B 205 -5.22 -3.31 27.03
N GLY B 206 -4.60 -2.16 26.82
CA GLY B 206 -3.94 -1.85 25.56
C GLY B 206 -2.77 -0.90 25.78
N THR B 207 -1.66 -1.18 25.10
CA THR B 207 -0.48 -0.36 25.25
C THR B 207 0.16 -0.08 23.90
N GLN B 208 0.40 1.20 23.62
CA GLN B 208 1.08 1.61 22.40
C GLN B 208 2.56 1.80 22.67
N TYR B 209 3.39 1.15 21.87
CA TYR B 209 4.83 1.25 22.04
C TYR B 209 5.49 2.00 20.88
N ALA B 210 6.67 2.55 21.16
CA ALA B 210 7.48 3.20 20.14
C ALA B 210 8.94 2.80 20.32
N VAL B 211 9.64 2.55 19.22
CA VAL B 211 11.05 2.23 19.24
C VAL B 211 11.79 2.96 18.13
N PRO B 212 12.90 3.65 18.47
CA PRO B 212 13.80 4.21 17.47
C PRO B 212 14.62 3.12 16.79
N ILE B 213 14.64 3.09 15.46
CA ILE B 213 15.32 2.01 14.75
C ILE B 213 16.26 2.50 13.65
N GLU B 214 17.32 1.72 13.43
CA GLU B 214 18.17 1.89 12.24
C GLU B 214 17.72 0.87 11.21
N CYS B 215 17.58 1.31 9.97
CA CYS B 215 17.09 0.44 8.91
C CYS B 215 17.49 0.98 7.54
N ASP B 216 18.62 0.51 7.04
CA ASP B 216 19.19 0.98 5.78
C ASP B 216 18.24 0.80 4.61
N ALA B 217 17.52 -0.31 4.61
CA ALA B 217 16.58 -0.63 3.55
C ALA B 217 15.49 0.46 3.45
N LEU B 218 14.93 0.84 4.59
CA LEU B 218 13.96 1.93 4.63
C LEU B 218 14.61 3.24 4.18
N HIS B 219 15.86 3.44 4.59
CA HIS B 219 16.60 4.66 4.28
C HIS B 219 16.77 4.85 2.76
N ARG B 220 16.97 3.75 2.04
CA ARG B 220 17.15 3.82 0.59
C ARG B 220 15.85 4.16 -0.14
N ILE B 221 14.71 3.99 0.53
CA ILE B 221 13.41 4.32 -0.05
C ILE B 221 13.04 5.77 0.24
N SER B 222 13.64 6.35 1.27
CA SER B 222 13.21 7.66 1.76
C SER B 222 14.29 8.74 1.75
N SER B 223 15.48 8.41 1.26
CA SER B 223 16.56 9.40 1.20
C SER B 223 17.41 9.29 -0.06
N VAL B 224 17.96 10.42 -0.49
CA VAL B 224 18.81 10.51 -1.68
C VAL B 224 19.89 11.55 -1.44
N SER B 225 21.13 11.24 -1.79
CA SER B 225 22.21 12.22 -1.71
C SER B 225 22.57 12.72 -3.10
N GLY B 226 22.75 11.79 -4.04
CA GLY B 226 23.06 12.16 -5.40
C GLY B 226 23.45 10.98 -6.26
N TRP B 227 23.68 11.23 -7.54
CA TRP B 227 24.08 10.18 -8.45
C TRP B 227 25.38 10.60 -9.16
N ARG B 228 26.51 10.10 -8.67
CA ARG B 228 27.84 10.51 -9.12
C ARG B 228 28.07 12.00 -8.89
N ASP B 229 28.50 12.70 -9.95
CA ASP B 229 28.76 14.14 -9.88
C ASP B 229 27.51 14.92 -9.54
N LEU B 230 26.37 14.41 -10.00
CA LEU B 230 25.10 15.08 -9.84
C LEU B 230 24.68 15.15 -8.37
N ASP B 231 24.53 16.39 -7.88
CA ASP B 231 24.04 16.61 -6.53
C ASP B 231 22.52 16.57 -6.51
N LEU B 232 21.96 15.82 -5.56
CA LEU B 232 20.51 15.69 -5.47
C LEU B 232 19.98 16.01 -4.08
N LYS B 233 20.87 16.43 -3.17
CA LYS B 233 20.51 16.62 -1.77
C LYS B 233 19.41 17.66 -1.56
N HIS B 234 19.07 18.41 -2.60
CA HIS B 234 17.96 19.35 -2.52
C HIS B 234 16.63 18.62 -2.43
N MET B 235 16.58 17.39 -2.93
CA MET B 235 15.37 16.57 -2.83
C MET B 235 15.00 16.32 -1.36
N MET B 236 16.00 16.44 -0.49
CA MET B 236 15.81 16.18 0.93
C MET B 236 14.96 17.25 1.61
N THR B 237 14.85 18.41 0.95
CA THR B 237 14.00 19.49 1.41
C THR B 237 12.58 19.00 1.67
N LEU B 238 12.18 17.95 0.95
CA LEU B 238 10.80 17.49 0.94
C LEU B 238 10.54 16.22 1.75
N GLN B 239 11.56 15.66 2.39
CA GLN B 239 11.41 14.42 3.15
C GLN B 239 10.33 14.54 4.23
N ASP B 240 9.46 13.52 4.34
CA ASP B 240 8.34 13.56 5.26
C ASP B 240 8.72 13.02 6.63
N THR B 241 8.97 13.95 7.55
CA THR B 241 9.41 13.67 8.91
C THR B 241 8.21 13.71 9.87
N VAL B 242 7.10 14.23 9.37
CA VAL B 242 5.90 14.39 10.18
C VAL B 242 4.95 13.18 10.14
N SER B 243 4.65 12.72 8.93
CA SER B 243 3.62 11.68 8.72
C SER B 243 3.94 10.34 9.36
N ILE B 244 2.93 9.76 10.04
CA ILE B 244 3.00 8.36 10.41
C ILE B 244 2.64 7.53 9.18
N VAL B 245 3.44 6.52 8.89
CA VAL B 245 3.25 5.75 7.68
C VAL B 245 3.17 4.25 7.98
N PHE B 246 2.12 3.61 7.47
CA PHE B 246 1.96 2.15 7.64
C PHE B 246 2.94 1.43 6.73
N ALA B 247 3.70 0.51 7.32
CA ALA B 247 4.74 -0.23 6.61
C ALA B 247 4.21 -0.93 5.35
N LYS B 248 3.04 -1.55 5.47
CA LYS B 248 2.48 -2.35 4.37
C LYS B 248 2.10 -1.51 3.15
N HIS B 249 1.52 -0.33 3.40
CA HIS B 249 1.02 0.51 2.31
C HIS B 249 2.11 0.90 1.33
N TYR B 250 3.34 0.97 1.81
CA TYR B 250 4.47 1.25 0.94
C TYR B 250 5.33 0.00 0.74
N GLY B 251 4.68 -1.16 0.86
CA GLY B 251 5.25 -2.44 0.43
C GLY B 251 6.24 -3.12 1.36
N ILE B 252 6.35 -2.66 2.60
CA ILE B 252 7.38 -3.14 3.50
C ILE B 252 6.84 -4.03 4.62
N ARG B 253 7.56 -5.11 4.92
CA ARG B 253 7.27 -5.94 6.07
C ARG B 253 8.50 -5.99 6.96
N MET B 254 8.38 -5.46 8.17
CA MET B 254 9.54 -5.31 9.05
C MET B 254 10.20 -6.64 9.43
N ASN B 255 9.44 -7.73 9.34
CA ASN B 255 10.00 -9.05 9.60
C ASN B 255 10.90 -9.51 8.46
N SER B 256 10.62 -8.99 7.27
CA SER B 256 11.39 -9.34 6.08
C SER B 256 12.65 -8.48 5.97
N VAL B 257 12.55 -7.27 6.50
CA VAL B 257 13.65 -6.31 6.46
C VAL B 257 14.53 -6.39 7.69
N ASN B 258 15.84 -6.27 7.51
CA ASN B 258 16.76 -6.27 8.64
C ASN B 258 16.93 -4.86 9.21
N PHE B 259 16.73 -4.73 10.52
CA PHE B 259 16.83 -3.45 11.20
C PHE B 259 17.27 -3.65 12.65
N ARG B 260 17.68 -2.56 13.31
CA ARG B 260 18.14 -2.64 14.70
C ARG B 260 17.35 -1.73 15.63
N ARG B 261 16.93 -2.27 16.77
CA ARG B 261 16.29 -1.47 17.80
C ARG B 261 17.34 -0.78 18.65
N LEU B 262 17.36 0.56 18.61
CA LEU B 262 18.42 1.33 19.24
C LEU B 262 18.10 1.67 20.70
N SER B 263 17.07 1.02 21.25
CA SER B 263 16.61 1.33 22.60
C SER B 263 15.51 0.39 23.05
N ASP B 264 15.28 0.30 24.36
CA ASP B 264 14.10 -0.37 24.91
C ASP B 264 12.80 0.22 24.39
N PRO B 265 11.74 -0.59 24.40
CA PRO B 265 10.44 -0.04 24.01
C PRO B 265 10.07 1.22 24.80
N ILE B 266 9.35 2.13 24.16
CA ILE B 266 8.84 3.31 24.84
C ILE B 266 7.32 3.21 25.01
N GLU B 267 6.88 3.10 26.25
CA GLU B 267 5.46 3.10 26.54
C GLU B 267 4.86 4.48 26.30
N LEU B 268 4.30 4.70 25.12
CA LEU B 268 3.67 5.97 24.82
C LEU B 268 2.47 6.21 25.74
N PHE B 269 1.67 5.16 25.95
CA PHE B 269 0.53 5.21 26.87
C PHE B 269 -0.12 3.84 27.09
N ARG B 270 -0.69 3.65 28.27
CA ARG B 270 -1.51 2.48 28.56
C ARG B 270 -2.98 2.87 28.70
N VAL B 271 -3.87 1.95 28.37
CA VAL B 271 -5.30 2.22 28.48
C VAL B 271 -6.05 1.06 29.14
N ASP B 272 -6.81 1.38 30.18
CA ASP B 272 -7.77 0.45 30.76
C ASP B 272 -9.14 0.76 30.16
N PHE B 273 -9.63 -0.13 29.30
CA PHE B 273 -10.86 0.15 28.56
C PHE B 273 -12.11 0.24 29.42
N SER B 274 -11.99 -0.17 30.68
CA SER B 274 -13.14 -0.15 31.58
C SER B 274 -13.05 1.00 32.59
N SER B 275 -12.17 1.96 32.35
CA SER B 275 -12.01 3.09 33.27
C SER B 275 -11.34 4.31 32.63
N SER B 276 -10.50 4.09 31.63
CA SER B 276 -9.73 5.17 31.01
C SER B 276 -10.58 6.04 30.08
N ASN B 277 -10.17 7.30 29.94
CA ASN B 277 -10.73 8.20 28.94
C ASN B 277 -9.61 8.66 28.01
N ARG B 278 -9.97 9.39 26.95
CA ARG B 278 -8.97 9.80 25.97
C ARG B 278 -8.15 10.99 26.48
N ASN B 279 -8.57 11.56 27.60
CA ASN B 279 -7.82 12.64 28.21
C ASN B 279 -6.85 12.13 29.26
N ASP B 280 -6.94 10.84 29.55
CA ASP B 280 -5.95 10.18 30.40
C ASP B 280 -4.64 10.08 29.63
N ILE B 281 -4.74 10.24 28.32
CA ILE B 281 -3.59 10.37 27.44
C ILE B 281 -3.31 11.84 27.20
N SER B 282 -2.37 12.40 27.94
CA SER B 282 -2.01 13.81 27.80
C SER B 282 -1.63 14.11 26.35
N ARG B 283 -2.16 15.21 25.82
CA ARG B 283 -1.98 15.54 24.41
C ARG B 283 -0.53 15.79 24.05
N ARG B 284 0.28 16.07 25.07
CA ARG B 284 1.73 16.17 24.89
C ARG B 284 2.44 15.47 26.04
N LYS B 285 3.36 14.58 25.70
CA LYS B 285 4.15 13.87 26.71
C LYS B 285 5.62 13.95 26.33
N HIS B 286 6.49 13.81 27.32
CA HIS B 286 7.92 13.78 27.04
C HIS B 286 8.57 12.50 27.52
N PHE B 287 9.37 11.91 26.64
CA PHE B 287 10.00 10.63 26.92
C PHE B 287 11.51 10.77 26.86
N ASP B 288 12.15 10.31 27.93
CA ASP B 288 13.58 10.39 28.07
C ASP B 288 14.16 9.01 27.73
N VAL B 289 14.73 8.87 26.53
CA VAL B 289 15.14 7.57 26.00
C VAL B 289 16.66 7.33 26.15
N VAL B 290 17.03 6.19 26.72
CA VAL B 290 18.45 5.83 26.83
C VAL B 290 18.86 4.88 25.71
N ALA B 291 19.82 5.31 24.90
CA ALA B 291 20.27 4.51 23.77
C ALA B 291 21.10 3.29 24.22
N LYS B 292 20.58 2.09 24.00
CA LYS B 292 21.34 0.84 24.24
C LYS B 292 22.41 0.59 23.20
N GLU B 293 22.13 1.04 21.99
CA GLU B 293 23.02 0.74 20.90
C GLU B 293 23.20 1.99 20.08
N SER B 294 24.42 2.22 19.62
CA SER B 294 24.70 3.35 18.77
C SER B 294 24.36 3.00 17.32
N GLY B 295 23.83 3.98 16.61
CA GLY B 295 23.38 3.79 15.24
C GLY B 295 22.55 4.97 14.80
N THR B 296 21.95 4.90 13.62
CA THR B 296 21.17 6.00 13.11
C THR B 296 19.67 5.73 13.20
N ALA B 297 18.99 6.50 14.04
CA ALA B 297 17.54 6.41 14.15
C ALA B 297 16.87 6.99 12.92
N HIS B 298 16.81 6.21 11.85
CA HIS B 298 16.15 6.63 10.61
C HIS B 298 14.69 6.95 10.87
N ALA B 299 14.08 6.13 11.72
CA ALA B 299 12.64 6.25 11.94
C ALA B 299 12.23 5.75 13.32
N MET B 300 11.11 6.26 13.80
CA MET B 300 10.46 5.69 14.96
C MET B 300 9.52 4.58 14.50
N LEU B 301 9.68 3.39 15.08
CA LEU B 301 8.83 2.25 14.74
C LEU B 301 7.70 2.10 15.74
N PHE B 302 6.47 2.01 15.25
CA PHE B 302 5.32 1.97 16.14
C PHE B 302 4.57 0.64 16.14
N TYR B 303 4.52 -0.03 17.28
CA TYR B 303 3.74 -1.24 17.46
C TYR B 303 2.93 -1.17 18.76
N TRP B 304 2.09 -2.17 19.01
CA TRP B 304 1.24 -2.16 20.20
C TRP B 304 0.83 -3.55 20.65
N LYS B 305 0.56 -3.70 21.94
CA LYS B 305 0.10 -4.98 22.47
C LYS B 305 -1.23 -4.81 23.24
N VAL B 306 -2.13 -5.76 23.05
CA VAL B 306 -3.40 -5.77 23.77
C VAL B 306 -3.45 -6.97 24.70
N THR B 307 -3.81 -6.74 25.95
CA THR B 307 -3.77 -7.77 26.98
C THR B 307 -5.14 -7.98 27.63
N ASP B 308 -5.48 -9.24 27.85
CA ASP B 308 -6.58 -9.59 28.74
C ASP B 308 -6.16 -10.81 29.56
N ASP B 309 -5.96 -10.60 30.86
CA ASP B 309 -5.39 -11.61 31.75
C ASP B 309 -4.05 -12.12 31.21
N GLU B 310 -3.99 -13.41 30.95
CA GLU B 310 -2.77 -14.08 30.51
C GLU B 310 -2.61 -14.08 28.99
N PHE B 311 -3.63 -13.60 28.29
CA PHE B 311 -3.65 -13.66 26.83
C PHE B 311 -3.21 -12.34 26.19
N VAL B 312 -2.44 -12.44 25.11
CA VAL B 312 -1.83 -11.26 24.50
C VAL B 312 -2.07 -11.16 22.99
N MET B 313 -2.30 -9.93 22.52
CA MET B 313 -2.30 -9.61 21.10
C MET B 313 -1.14 -8.68 20.78
N SER B 314 -0.16 -9.16 20.01
CA SER B 314 1.03 -8.36 19.78
C SER B 314 1.23 -7.93 18.32
N THR B 315 1.58 -6.66 18.14
CA THR B 315 1.83 -6.08 16.82
C THR B 315 3.36 -6.00 16.60
N ASP B 316 4.09 -6.13 17.70
CA ASP B 316 5.54 -6.27 17.68
C ASP B 316 5.98 -7.30 16.65
N PRO B 317 6.84 -6.90 15.70
CA PRO B 317 7.31 -7.80 14.64
C PRO B 317 8.02 -9.05 15.16
N GLU B 318 8.48 -9.04 16.40
CA GLU B 318 9.09 -10.23 16.99
C GLU B 318 8.05 -11.33 17.20
N ASP B 319 6.81 -10.93 17.41
CA ASP B 319 5.74 -11.86 17.71
C ASP B 319 4.91 -12.19 16.47
N THR B 320 5.16 -11.48 15.38
CA THR B 320 4.40 -11.69 14.15
C THR B 320 5.24 -12.33 13.04
N VAL B 321 6.37 -12.93 13.43
CA VAL B 321 7.25 -13.58 12.46
C VAL B 321 6.50 -14.68 11.71
N ASN B 322 5.75 -15.48 12.44
CA ASN B 322 4.98 -16.58 11.86
C ASN B 322 3.52 -16.22 11.62
N ASN B 323 3.10 -15.08 12.18
CA ASN B 323 1.77 -14.57 11.93
C ASN B 323 1.79 -13.61 10.74
N PHE B 324 2.02 -14.17 9.56
CA PHE B 324 2.03 -13.42 8.32
C PHE B 324 0.71 -12.67 8.04
N PRO B 325 -0.45 -13.29 8.32
CA PRO B 325 -1.66 -12.50 8.07
C PRO B 325 -1.78 -11.24 8.94
N ARG B 326 -1.20 -11.26 10.13
CA ARG B 326 -1.29 -10.11 11.02
C ARG B 326 -0.47 -8.94 10.50
N ASP B 327 0.68 -9.23 9.91
CA ASP B 327 1.54 -8.18 9.35
C ASP B 327 0.88 -7.53 8.15
N MET B 328 -0.08 -8.23 7.57
CA MET B 328 -0.78 -7.74 6.38
C MET B 328 -2.05 -6.99 6.76
N GLN B 329 -2.57 -7.25 7.94
CA GLN B 329 -3.78 -6.56 8.37
C GLN B 329 -3.43 -5.35 9.21
N TRP B 330 -2.51 -5.52 10.16
CA TRP B 330 -2.14 -4.45 11.06
C TRP B 330 -0.73 -3.95 10.79
N GLY B 331 0.23 -4.88 10.68
CA GLY B 331 1.61 -4.53 10.41
C GLY B 331 2.18 -3.59 11.46
N GLN B 332 3.05 -2.69 11.05
CA GLN B 332 3.61 -1.70 11.95
C GLN B 332 3.58 -0.32 11.30
N ALA B 333 3.75 0.73 12.11
CA ALA B 333 3.80 2.08 11.58
C ALA B 333 5.18 2.69 11.75
N LEU B 334 5.52 3.62 10.86
CA LEU B 334 6.82 4.27 10.89
C LEU B 334 6.70 5.79 10.87
N GLN B 335 7.69 6.46 11.42
CA GLN B 335 7.83 7.90 11.25
C GLN B 335 9.30 8.25 11.11
N LEU B 336 9.66 8.88 9.99
CA LEU B 336 11.02 9.35 9.77
C LEU B 336 11.39 10.45 10.76
N LEU B 337 12.57 10.34 11.36
CA LEU B 337 12.99 11.32 12.37
C LEU B 337 13.94 12.37 11.82
N ASP B 338 13.69 13.63 12.19
CA ASP B 338 14.57 14.75 11.87
C ASP B 338 15.01 15.41 13.18
N ALA B 339 16.32 15.58 13.33
CA ALA B 339 16.90 16.03 14.60
C ALA B 339 16.56 17.48 14.93
N SER B 340 16.43 18.33 13.93
CA SER B 340 16.09 19.73 14.19
C SER B 340 15.27 20.35 13.06
N ASN B 341 15.39 21.66 12.91
CA ASN B 341 14.62 22.40 11.93
C ASN B 341 15.50 23.11 10.89
N GLY B 342 16.52 22.41 10.40
CA GLY B 342 17.37 22.98 9.36
C GLY B 342 16.64 23.05 8.03
N PRO B 343 17.27 23.66 7.02
CA PRO B 343 16.69 23.68 5.67
C PRO B 343 16.58 22.27 5.11
N LEU B 344 17.49 21.42 5.55
CA LEU B 344 17.52 20.00 5.19
C LEU B 344 17.40 19.17 6.46
N PRO B 345 16.85 17.96 6.34
CA PRO B 345 16.68 17.08 7.52
C PRO B 345 18.01 16.73 8.17
N THR B 346 18.00 16.65 9.49
CA THR B 346 19.19 16.27 10.24
C THR B 346 18.99 14.86 10.79
N PRO B 347 19.94 13.96 10.49
CA PRO B 347 19.83 12.57 10.95
C PRO B 347 19.89 12.48 12.47
N VAL B 348 19.02 11.67 13.06
CA VAL B 348 19.08 11.40 14.48
C VAL B 348 20.08 10.28 14.74
N VAL B 349 21.25 10.65 15.24
CA VAL B 349 22.30 9.66 15.50
C VAL B 349 22.37 9.32 16.98
N PHE B 350 22.16 8.04 17.29
CA PHE B 350 22.26 7.57 18.66
C PHE B 350 23.68 7.12 18.99
N THR B 351 24.16 7.52 20.17
CA THR B 351 25.43 7.04 20.70
C THR B 351 25.14 6.25 21.97
N GLU B 352 25.50 4.97 21.98
CA GLU B 352 25.17 4.06 23.08
C GLU B 352 25.52 4.63 24.45
N GLY B 353 24.56 4.56 25.36
CA GLY B 353 24.76 5.04 26.72
C GLY B 353 24.34 6.48 26.88
N LYS B 354 24.49 7.27 25.81
CA LYS B 354 24.05 8.66 25.86
C LYS B 354 22.52 8.70 25.77
N ASN B 355 21.96 9.77 26.32
CA ASN B 355 20.52 9.91 26.52
C ASN B 355 19.84 10.83 25.49
N TYR B 356 18.62 10.49 25.06
CA TYR B 356 17.91 11.30 24.06
C TYR B 356 16.47 11.62 24.43
N ASN B 357 16.05 12.85 24.12
CA ASN B 357 14.79 13.37 24.63
C ASN B 357 13.78 13.65 23.53
N PHE B 358 12.60 13.06 23.66
CA PHE B 358 11.59 13.17 22.62
C PHE B 358 10.28 13.78 23.11
N GLU B 359 9.73 14.68 22.30
CA GLU B 359 8.41 15.24 22.56
C GLU B 359 7.38 14.52 21.69
N CYS B 360 6.40 13.90 22.36
CA CYS B 360 5.33 13.20 21.68
C CYS B 360 4.07 14.05 21.66
N ASN B 361 3.64 14.45 20.47
CA ASN B 361 2.42 15.23 20.33
C ASN B 361 1.27 14.42 19.72
N PHE B 362 0.15 14.35 20.44
CA PHE B 362 -1.06 13.70 19.94
C PHE B 362 -1.97 14.71 19.28
N SER B 363 -2.84 14.21 18.39
CA SER B 363 -3.91 15.03 17.84
C SER B 363 -5.04 15.08 18.86
N GLY B 364 -6.08 15.85 18.57
CA GLY B 364 -7.20 15.99 19.49
C GLY B 364 -7.86 14.68 19.83
N ASP B 365 -8.08 13.84 18.82
CA ASP B 365 -8.73 12.56 18.99
C ASP B 365 -7.77 11.45 19.40
N ARG B 366 -6.51 11.84 19.64
CA ARG B 366 -5.44 10.91 20.02
C ARG B 366 -5.28 9.79 19.01
N VAL B 367 -5.70 10.04 17.77
CA VAL B 367 -5.61 9.05 16.71
C VAL B 367 -4.29 9.18 15.97
N ILE B 368 -3.78 10.40 15.88
CA ILE B 368 -2.48 10.65 15.27
C ILE B 368 -1.49 11.11 16.34
N LEU B 369 -0.23 10.74 16.19
CA LEU B 369 0.81 11.26 17.06
C LEU B 369 2.08 11.57 16.30
N HIS B 370 3.09 12.09 17.01
CA HIS B 370 4.37 12.45 16.40
C HIS B 370 5.49 12.44 17.42
N MET B 371 6.66 11.97 17.00
CA MET B 371 7.84 11.97 17.87
C MET B 371 8.91 12.93 17.36
N GLN B 372 9.04 14.07 18.01
CA GLN B 372 10.06 15.06 17.66
C GLN B 372 11.23 15.04 18.64
N LEU B 373 12.44 14.84 18.12
CA LEU B 373 13.65 14.90 18.94
C LEU B 373 13.84 16.28 19.52
N CYS B 374 14.07 16.36 20.83
CA CYS B 374 14.31 17.65 21.48
C CYS B 374 15.70 18.17 21.14
N PRO B 375 15.80 19.45 20.79
CA PRO B 375 17.10 20.07 20.53
C PRO B 375 17.82 20.36 21.83
N GLU B 376 19.08 20.79 21.75
CA GLU B 376 19.86 21.05 22.95
C GLU B 376 20.52 22.43 22.89
N GLU B 381 12.94 25.65 17.19
CA GLU B 381 12.02 25.59 18.33
C GLU B 381 10.68 24.97 17.97
N MET B 382 10.72 23.74 17.47
CA MET B 382 9.50 22.99 17.18
C MET B 382 8.91 22.48 18.50
N THR B 383 9.80 22.12 19.42
CA THR B 383 9.40 21.49 20.67
C THR B 383 9.38 22.51 21.82
N GLU B 384 8.48 22.28 22.77
CA GLU B 384 8.48 23.05 24.00
C GLU B 384 8.93 22.12 25.13
N CYS B 385 9.99 21.37 24.85
CA CYS B 385 10.65 20.55 25.87
C CYS B 385 11.37 21.45 26.85
N GLU B 386 11.56 20.96 28.07
CA GLU B 386 12.27 21.73 29.08
C GLU B 386 13.35 20.88 29.74
#